data_8PDD
#
_entry.id   8PDD
#
_cell.length_a   61.900
_cell.length_b   102.400
_cell.length_c   131.460
_cell.angle_alpha   90.000
_cell.angle_beta   92.390
_cell.angle_gamma   90.000
#
_symmetry.space_group_name_H-M   'P 1 21 1'
#
loop_
_entity.id
_entity.type
_entity.pdbx_description
1 polymer 'Thioredoxin glutathione reductase'
2 non-polymer 'FLAVIN-ADENINE DINUCLEOTIDE'
3 non-polymer 'MAGNESIUM ION'
4 non-polymer GLYCEROL
5 water water
#
_entity_poly.entity_id   1
_entity_poly.type   'polypeptide(L)'
_entity_poly.pdbx_seq_one_letter_code
;GPPPADGTSQWLRKTVDSAAVILFSKTTCPYCKKVKDVLAEAKIKHATIELDQLSNGSAIQKCLASFSKIETVPQMFVRG
KFIGDSQTVLKYYSNDELAGIVNESKYDYDLIVIGGGSGGLAAGKEAAKYGAKTAVLDYVEPTPIGTTWGLGGTCVNVGC
IPKKLMHQAGLLSHALEDAEHFGWSLDRSKISHNWSTMVEGVQSHIGSLNWGYKVALRDNQVTYLNAKGRLISPHEVQIT
DKNQKVSTITGNKIILATGERPKYPEIPGAVEYGITSDDLFSLPYFPGKTLVIGASYVALECAGFLASLGGDVTVMVRSI
LLRGFDQQMAEKVGDYMENHGVKFAKLCVPDEIKQLKVVDTENNKPGLLLVKGHYTDGKKFEEEFETVIFAVGREPQLSK
VLCETVGVKLDKNGRVVCTDDEQTTVSNVYAIGDINAGKPQLTPVAIQAGRYLARRLFAGATELTDYSNVATTVFTPLEY
GACGLSEEDAIEKYGDKDIEVYHSNFKPLEWTVAHREDNVCYMKLVCRKSDNMRVLGLHVLGPNAGEITQGYAVAIKMGA
TKADFDRTIGIHPTCSETFTTLHVTKKSGVSPIVSGC
;
_entity_poly.pdbx_strand_id   A,B
#
# COMPACT_ATOMS: atom_id res chain seq x y z
N GLY A 7 14.40 39.12 2.03
CA GLY A 7 13.65 38.00 1.49
C GLY A 7 12.28 38.41 0.97
N THR A 8 11.53 39.15 1.80
CA THR A 8 10.16 39.50 1.44
C THR A 8 10.12 40.41 0.22
N SER A 9 10.96 41.45 0.20
CA SER A 9 10.95 42.36 -0.94
CA SER A 9 10.98 42.37 -0.94
C SER A 9 11.37 41.66 -2.23
N GLN A 10 12.36 40.76 -2.15
CA GLN A 10 12.76 40.01 -3.34
C GLN A 10 11.65 39.09 -3.81
N TRP A 11 10.96 38.42 -2.88
CA TRP A 11 9.85 37.57 -3.26
C TRP A 11 8.74 38.37 -3.92
N LEU A 12 8.39 39.51 -3.33
CA LEU A 12 7.29 40.30 -3.87
C LEU A 12 7.60 40.80 -5.27
N ARG A 13 8.83 41.29 -5.50
CA ARG A 13 9.20 41.76 -6.83
C ARG A 13 9.08 40.65 -7.86
N LYS A 14 9.56 39.45 -7.51
CA LYS A 14 9.50 38.34 -8.45
C LYS A 14 8.06 37.94 -8.72
N THR A 15 7.23 37.94 -7.68
CA THR A 15 5.82 37.55 -7.82
C THR A 15 5.05 38.54 -8.68
N VAL A 16 5.24 39.84 -8.43
CA VAL A 16 4.55 40.85 -9.22
C VAL A 16 5.02 40.83 -10.67
N ASP A 17 6.33 40.66 -10.90
CA ASP A 17 6.81 40.70 -12.29
C ASP A 17 6.31 39.54 -13.12
N SER A 18 6.11 38.37 -12.51
CA SER A 18 5.81 37.14 -13.22
CA SER A 18 5.79 37.18 -13.28
C SER A 18 4.31 36.83 -13.30
N ALA A 19 3.53 37.24 -12.32
CA ALA A 19 2.11 36.87 -12.30
C ALA A 19 1.38 37.51 -13.48
N ALA A 20 0.48 36.74 -14.11
CA ALA A 20 -0.33 37.30 -15.19
C ALA A 20 -1.39 38.25 -14.63
N VAL A 21 -2.19 37.77 -13.70
CA VAL A 21 -3.21 38.58 -13.02
C VAL A 21 -3.18 38.16 -11.55
N ILE A 22 -2.99 39.12 -10.65
CA ILE A 22 -2.87 38.76 -9.23
C ILE A 22 -3.54 39.81 -8.36
N LEU A 23 -4.24 39.34 -7.34
CA LEU A 23 -4.96 40.19 -6.39
C LEU A 23 -4.35 39.99 -5.00
N PHE A 24 -3.89 41.08 -4.40
CA PHE A 24 -3.48 41.08 -3.01
C PHE A 24 -4.66 41.48 -2.14
N SER A 25 -4.98 40.63 -1.16
CA SER A 25 -6.29 40.57 -0.54
C SER A 25 -6.14 40.29 0.95
N LYS A 26 -7.27 40.39 1.64
CA LYS A 26 -7.44 39.87 2.99
C LYS A 26 -8.81 39.22 3.03
N THR A 27 -8.92 38.09 3.75
CA THR A 27 -10.18 37.34 3.73
C THR A 27 -11.30 38.07 4.46
N THR A 28 -10.98 39.01 5.33
CA THR A 28 -11.97 39.73 6.13
C THR A 28 -12.48 40.98 5.44
N CYS A 29 -11.80 41.44 4.40
N CYS A 29 -11.82 41.41 4.36
CA CYS A 29 -12.09 42.76 3.84
CA CYS A 29 -12.04 42.73 3.76
CA CYS A 29 -11.03 43.70 3.75
CA CYS A 29 -10.58 42.72 3.60
C CYS A 29 -13.23 42.67 2.84
C CYS A 29 -13.21 42.69 2.78
N PRO A 30 -14.28 43.47 3.00
CA PRO A 30 -15.41 43.43 2.04
C PRO A 30 -15.09 44.08 0.70
N TYR A 31 -14.19 45.07 0.67
CA TYR A 31 -13.79 45.64 -0.61
C TYR A 31 -13.08 44.60 -1.46
N CYS A 32 -12.32 43.72 -0.81
N CYS A 32 -12.28 43.74 -0.81
CA CYS A 32 -11.63 42.66 -1.51
CA CYS A 32 -11.63 42.66 -1.53
CA CYS A 32 -10.79 42.21 -2.29
C CYS A 32 -12.63 41.63 -2.04
C CYS A 32 -12.64 41.66 -2.07
N LYS A 33 -13.66 41.32 -1.26
CA LYS A 33 -14.71 40.42 -1.73
C LYS A 33 -15.41 41.00 -2.95
N LYS A 34 -15.67 42.31 -2.94
CA LYS A 34 -16.36 42.93 -4.06
C LYS A 34 -15.53 42.83 -5.34
N VAL A 35 -14.22 43.05 -5.22
CA VAL A 35 -13.34 42.92 -6.39
C VAL A 35 -13.30 41.48 -6.89
N LYS A 36 -13.19 40.52 -5.96
CA LYS A 36 -13.24 39.11 -6.34
C LYS A 36 -14.54 38.80 -7.08
N ASP A 37 -15.66 39.32 -6.58
CA ASP A 37 -16.95 39.06 -7.21
C ASP A 37 -17.00 39.65 -8.62
N VAL A 38 -16.48 40.86 -8.80
CA VAL A 38 -16.43 41.48 -10.12
C VAL A 38 -15.59 40.64 -11.08
N LEU A 39 -14.39 40.24 -10.64
CA LEU A 39 -13.53 39.45 -11.51
C LEU A 39 -14.18 38.13 -11.87
N ALA A 40 -14.88 37.50 -10.92
CA ALA A 40 -15.56 36.24 -11.22
C ALA A 40 -16.69 36.46 -12.22
N GLU A 41 -17.47 37.54 -12.06
CA GLU A 41 -18.53 37.82 -13.02
C GLU A 41 -17.97 38.10 -14.40
N ALA A 42 -16.82 38.77 -14.46
CA ALA A 42 -16.16 39.08 -15.73
C ALA A 42 -15.42 37.89 -16.33
N LYS A 43 -15.40 36.74 -15.65
CA LYS A 43 -14.67 35.55 -16.10
C LYS A 43 -13.17 35.81 -16.22
N ILE A 44 -12.65 36.61 -15.31
CA ILE A 44 -11.22 36.92 -15.23
C ILE A 44 -10.61 36.04 -14.15
N LYS A 45 -9.79 35.08 -14.58
CA LYS A 45 -9.07 34.23 -13.64
CA LYS A 45 -9.06 34.22 -13.65
C LYS A 45 -7.82 34.94 -13.14
N HIS A 46 -7.45 34.64 -11.90
CA HIS A 46 -6.34 35.34 -11.28
C HIS A 46 -5.85 34.55 -10.07
N ALA A 47 -4.60 34.81 -9.70
CA ALA A 47 -4.09 34.39 -8.41
C ALA A 47 -4.56 35.36 -7.33
N THR A 48 -4.62 34.86 -6.09
CA THR A 48 -4.96 35.67 -4.94
C THR A 48 -3.97 35.38 -3.83
N ILE A 49 -3.44 36.43 -3.21
CA ILE A 49 -2.59 36.32 -2.03
C ILE A 49 -3.33 36.96 -0.88
N GLU A 50 -3.70 36.15 0.11
CA GLU A 50 -4.38 36.61 1.32
C GLU A 50 -3.33 36.98 2.35
N LEU A 51 -3.10 38.29 2.53
CA LEU A 51 -2.01 38.74 3.39
C LEU A 51 -2.24 38.39 4.85
N ASP A 52 -3.51 38.33 5.28
CA ASP A 52 -3.79 37.94 6.66
C ASP A 52 -3.49 36.47 6.94
N GLN A 53 -3.33 35.65 5.90
CA GLN A 53 -3.00 34.25 6.07
C GLN A 53 -1.50 33.98 6.02
N LEU A 54 -0.68 35.01 5.91
CA LEU A 54 0.78 34.88 5.85
C LEU A 54 1.39 35.56 7.06
N SER A 55 2.44 34.95 7.61
CA SER A 55 3.07 35.51 8.80
C SER A 55 3.73 36.86 8.51
N ASN A 56 4.22 37.06 7.29
CA ASN A 56 4.88 38.30 6.90
C ASN A 56 3.97 39.22 6.09
N GLY A 57 2.65 39.11 6.29
CA GLY A 57 1.72 39.89 5.49
C GLY A 57 1.86 41.38 5.69
N SER A 58 2.14 41.82 6.91
CA SER A 58 2.32 43.24 7.18
C SER A 58 3.52 43.79 6.41
N ALA A 59 4.63 43.04 6.39
CA ALA A 59 5.78 43.44 5.60
C ALA A 59 5.44 43.49 4.12
N ILE A 60 4.66 42.52 3.63
CA ILE A 60 4.29 42.52 2.22
C ILE A 60 3.45 43.76 1.88
N GLN A 61 2.51 44.11 2.75
CA GLN A 61 1.70 45.31 2.52
C GLN A 61 2.58 46.54 2.35
N LYS A 62 3.59 46.68 3.21
CA LYS A 62 4.49 47.83 3.11
C LYS A 62 5.28 47.79 1.81
N CYS A 63 5.75 46.61 1.40
CA CYS A 63 6.53 46.52 0.19
CA CYS A 63 6.53 46.50 0.18
C CYS A 63 5.70 46.77 -1.07
N LEU A 64 4.39 46.52 -1.01
CA LEU A 64 3.53 46.75 -2.16
C LEU A 64 3.58 48.20 -2.62
N ALA A 65 3.81 49.14 -1.69
CA ALA A 65 3.84 50.55 -2.07
C ALA A 65 5.00 50.87 -3.00
N SER A 66 6.03 50.01 -3.05
CA SER A 66 7.11 50.21 -4.00
C SER A 66 6.65 50.05 -5.44
N PHE A 67 5.51 49.40 -5.66
CA PHE A 67 4.91 49.27 -6.98
C PHE A 67 3.69 50.15 -7.18
N SER A 68 2.85 50.29 -6.16
CA SER A 68 1.55 50.92 -6.31
C SER A 68 1.44 52.25 -5.61
N LYS A 69 2.36 52.57 -4.71
CA LYS A 69 2.36 53.74 -3.84
C LYS A 69 1.27 53.68 -2.77
N ILE A 70 0.59 52.54 -2.62
CA ILE A 70 -0.38 52.38 -1.54
C ILE A 70 -0.07 51.11 -0.75
N GLU A 71 -0.51 51.08 0.49
CA GLU A 71 -0.28 49.97 1.40
C GLU A 71 -1.55 49.21 1.76
N THR A 72 -2.69 49.58 1.18
CA THR A 72 -3.97 49.00 1.54
C THR A 72 -4.28 47.81 0.64
N VAL A 73 -5.41 47.17 0.93
N VAL A 73 -5.34 47.08 0.99
CA VAL A 73 -5.84 45.99 0.19
CA VAL A 73 -5.85 46.00 0.16
C VAL A 73 -7.32 46.22 -0.12
C VAL A 73 -7.28 46.35 -0.20
N PRO A 74 -7.79 45.90 -1.34
CA PRO A 74 -7.13 45.11 -2.39
C PRO A 74 -6.21 45.91 -3.30
N GLN A 75 -5.26 45.20 -3.92
CA GLN A 75 -4.42 45.73 -4.98
C GLN A 75 -4.39 44.71 -6.10
N MET A 76 -4.77 45.12 -7.30
CA MET A 76 -4.77 44.26 -8.48
C MET A 76 -3.58 44.62 -9.37
N PHE A 77 -2.88 43.60 -9.86
CA PHE A 77 -1.77 43.74 -10.80
C PHE A 77 -2.03 42.88 -12.03
N VAL A 78 -1.60 43.38 -13.18
CA VAL A 78 -1.61 42.61 -14.44
C VAL A 78 -0.23 42.69 -15.05
N ARG A 79 0.44 41.54 -15.18
CA ARG A 79 1.72 41.44 -15.89
C ARG A 79 2.72 42.50 -15.41
N GLY A 80 2.81 42.65 -14.09
CA GLY A 80 3.79 43.53 -13.48
C GLY A 80 3.34 44.94 -13.24
N LYS A 81 2.15 45.33 -13.72
CA LYS A 81 1.66 46.69 -13.63
C LYS A 81 0.55 46.77 -12.60
N PHE A 82 0.67 47.72 -11.68
CA PHE A 82 -0.43 48.00 -10.75
C PHE A 82 -1.62 48.55 -11.53
N ILE A 83 -2.77 47.91 -11.39
CA ILE A 83 -4.00 48.31 -12.07
C ILE A 83 -4.87 49.19 -11.18
N GLY A 84 -5.06 48.81 -9.92
CA GLY A 84 -5.90 49.63 -9.08
C GLY A 84 -6.29 48.98 -7.77
N ASP A 85 -6.80 49.84 -6.91
CA ASP A 85 -7.57 49.48 -5.74
C ASP A 85 -9.03 49.22 -6.10
N SER A 86 -9.87 49.14 -5.06
CA SER A 86 -11.30 48.84 -5.24
C SER A 86 -11.97 49.83 -6.18
N GLN A 87 -11.91 51.13 -5.87
CA GLN A 87 -12.65 52.11 -6.67
C GLN A 87 -12.19 52.07 -8.12
N THR A 88 -10.88 51.90 -8.34
CA THR A 88 -10.36 51.92 -9.70
C THR A 88 -10.80 50.70 -10.50
N VAL A 89 -10.71 49.51 -9.90
CA VAL A 89 -11.11 48.31 -10.62
C VAL A 89 -12.59 48.38 -10.98
N LEU A 90 -13.41 48.88 -10.06
CA LEU A 90 -14.83 49.03 -10.34
C LEU A 90 -15.07 50.06 -11.46
N LYS A 91 -14.29 51.13 -11.48
CA LYS A 91 -14.36 52.09 -12.58
C LYS A 91 -14.11 51.41 -13.92
N TYR A 92 -13.03 50.63 -14.02
CA TYR A 92 -12.72 49.97 -15.29
C TYR A 92 -13.83 49.02 -15.69
N TYR A 93 -14.38 48.27 -14.72
CA TYR A 93 -15.47 47.36 -15.03
C TYR A 93 -16.70 48.12 -15.51
N SER A 94 -17.07 49.20 -14.81
CA SER A 94 -18.25 49.98 -15.17
CA SER A 94 -18.25 49.98 -15.17
C SER A 94 -18.13 50.58 -16.55
N ASN A 95 -16.91 50.94 -16.97
CA ASN A 95 -16.67 51.57 -18.25
C ASN A 95 -16.32 50.58 -19.34
N ASP A 96 -16.46 49.28 -19.08
CA ASP A 96 -16.13 48.23 -20.06
CA ASP A 96 -16.12 48.23 -20.04
C ASP A 96 -14.67 48.31 -20.50
N GLU A 97 -13.79 48.70 -19.59
CA GLU A 97 -12.36 48.82 -19.87
C GLU A 97 -11.55 47.67 -19.30
N LEU A 98 -12.13 46.89 -18.38
CA LEU A 98 -11.36 45.92 -17.63
C LEU A 98 -10.88 44.78 -18.51
N ALA A 99 -11.73 44.31 -19.42
CA ALA A 99 -11.33 43.20 -20.30
C ALA A 99 -10.08 43.55 -21.10
N GLY A 100 -10.03 44.76 -21.65
CA GLY A 100 -8.86 45.16 -22.43
C GLY A 100 -7.62 45.25 -21.58
N ILE A 101 -7.77 45.76 -20.36
CA ILE A 101 -6.63 45.89 -19.44
C ILE A 101 -6.06 44.52 -19.09
N VAL A 102 -6.92 43.57 -18.72
CA VAL A 102 -6.42 42.28 -18.27
C VAL A 102 -5.86 41.47 -19.43
N ASN A 103 -6.18 41.83 -20.67
CA ASN A 103 -5.68 41.10 -21.82
C ASN A 103 -4.43 41.74 -22.43
N GLU A 104 -4.03 42.92 -21.98
CA GLU A 104 -2.88 43.60 -22.57
C GLU A 104 -1.60 42.86 -22.22
N SER A 105 -0.79 42.56 -23.23
CA SER A 105 0.40 41.75 -23.03
C SER A 105 1.45 42.06 -24.09
N LYS A 106 2.71 42.11 -23.66
CA LYS A 106 3.84 42.27 -24.57
CA LYS A 106 3.82 42.29 -24.58
C LYS A 106 4.00 41.07 -25.48
N TYR A 107 3.55 39.89 -25.05
CA TYR A 107 3.76 38.65 -25.76
C TYR A 107 2.42 38.04 -26.15
N ASP A 108 2.43 37.10 -27.09
CA ASP A 108 1.19 36.41 -27.44
C ASP A 108 0.65 35.64 -26.24
N TYR A 109 1.54 35.02 -25.45
CA TYR A 109 1.17 34.16 -24.34
C TYR A 109 2.02 34.49 -23.12
N ASP A 110 1.42 34.33 -21.95
CA ASP A 110 2.22 34.36 -20.72
C ASP A 110 3.09 33.13 -20.60
N LEU A 111 2.61 31.99 -21.10
CA LEU A 111 3.31 30.72 -21.00
C LEU A 111 3.13 29.95 -22.30
N ILE A 112 4.23 29.51 -22.89
CA ILE A 112 4.20 28.50 -23.96
C ILE A 112 4.85 27.25 -23.40
N VAL A 113 4.10 26.14 -23.42
CA VAL A 113 4.62 24.83 -23.05
C VAL A 113 4.91 24.08 -24.34
N ILE A 114 6.16 23.65 -24.52
CA ILE A 114 6.54 22.82 -25.66
C ILE A 114 6.53 21.37 -25.20
N GLY A 115 5.48 20.64 -25.58
CA GLY A 115 5.30 19.25 -25.20
C GLY A 115 4.02 19.05 -24.40
N GLY A 116 3.16 18.18 -24.89
CA GLY A 116 1.86 17.92 -24.28
C GLY A 116 1.78 16.55 -23.64
N GLY A 117 2.79 16.24 -22.81
CA GLY A 117 2.82 15.01 -22.08
C GLY A 117 2.52 15.20 -20.61
N SER A 118 3.05 14.29 -19.77
CA SER A 118 2.73 14.31 -18.35
C SER A 118 3.04 15.67 -17.73
N GLY A 119 4.27 16.14 -17.91
CA GLY A 119 4.64 17.40 -17.29
C GLY A 119 4.00 18.60 -17.94
N GLY A 120 3.99 18.64 -19.28
CA GLY A 120 3.54 19.83 -19.97
C GLY A 120 2.06 20.10 -19.79
N LEU A 121 1.24 19.05 -19.84
CA LEU A 121 -0.19 19.25 -19.61
C LEU A 121 -0.47 19.69 -18.18
N ALA A 122 0.26 19.11 -17.22
CA ALA A 122 0.08 19.51 -15.83
C ALA A 122 0.44 20.98 -15.63
N ALA A 123 1.56 21.41 -16.21
CA ALA A 123 2.00 22.80 -16.08
C ALA A 123 1.02 23.74 -16.76
N GLY A 124 0.57 23.39 -17.96
CA GLY A 124 -0.28 24.31 -18.71
C GLY A 124 -1.63 24.49 -18.05
N LYS A 125 -2.26 23.39 -17.62
N LYS A 125 -2.25 23.39 -17.62
CA LYS A 125 -3.54 23.50 -16.93
CA LYS A 125 -3.53 23.45 -16.92
C LYS A 125 -3.41 24.29 -15.65
C LYS A 125 -3.42 24.26 -15.64
N GLU A 126 -2.35 24.05 -14.88
CA GLU A 126 -2.19 24.76 -13.62
C GLU A 126 -1.97 26.26 -13.83
N ALA A 127 -1.14 26.63 -14.81
CA ALA A 127 -0.90 28.04 -15.07
C ALA A 127 -2.19 28.76 -15.47
N ALA A 128 -3.01 28.13 -16.30
CA ALA A 128 -4.24 28.75 -16.77
C ALA A 128 -5.18 29.08 -15.61
N LYS A 129 -5.13 28.31 -14.51
CA LYS A 129 -6.00 28.59 -13.38
C LYS A 129 -5.75 29.96 -12.77
N TYR A 130 -4.54 30.50 -12.92
CA TYR A 130 -4.20 31.81 -12.37
C TYR A 130 -4.27 32.92 -13.40
N GLY A 131 -4.91 32.65 -14.54
CA GLY A 131 -5.08 33.66 -15.55
C GLY A 131 -3.93 33.78 -16.52
N ALA A 132 -2.96 32.89 -16.49
CA ALA A 132 -1.89 32.96 -17.49
C ALA A 132 -2.46 32.54 -18.83
N LYS A 133 -2.29 33.38 -19.85
CA LYS A 133 -2.67 32.99 -21.19
C LYS A 133 -1.66 31.96 -21.68
N THR A 134 -2.13 30.76 -21.94
CA THR A 134 -1.24 29.61 -22.08
C THR A 134 -1.49 28.90 -23.40
N ALA A 135 -0.39 28.50 -24.05
CA ALA A 135 -0.43 27.61 -25.19
C ALA A 135 0.33 26.34 -24.86
N VAL A 136 -0.24 25.19 -25.20
CA VAL A 136 0.47 23.92 -25.13
CA VAL A 136 0.44 23.89 -25.12
C VAL A 136 0.62 23.37 -26.54
N LEU A 137 1.85 23.10 -26.94
CA LEU A 137 2.17 22.55 -28.25
C LEU A 137 2.45 21.07 -28.07
N ASP A 138 1.85 20.22 -28.91
CA ASP A 138 2.27 18.83 -28.79
C ASP A 138 2.24 18.28 -30.22
N TYR A 139 3.27 17.54 -30.57
CA TYR A 139 3.36 16.87 -31.86
C TYR A 139 4.07 15.56 -31.61
N VAL A 140 3.60 14.49 -32.26
CA VAL A 140 4.16 13.15 -32.09
C VAL A 140 4.81 12.75 -33.41
N GLU A 141 6.14 12.81 -33.46
N GLU A 141 6.14 12.80 -33.46
CA GLU A 141 6.83 12.34 -34.66
CA GLU A 141 6.83 12.34 -34.66
C GLU A 141 6.62 10.84 -34.80
C GLU A 141 6.63 10.84 -34.80
N PRO A 142 6.19 10.36 -35.97
CA PRO A 142 5.90 8.92 -36.09
C PRO A 142 7.15 8.07 -35.93
N THR A 143 6.95 6.84 -35.46
CA THR A 143 8.04 5.88 -35.40
C THR A 143 8.47 5.51 -36.82
N PRO A 144 9.57 4.78 -36.96
CA PRO A 144 10.01 4.39 -38.32
C PRO A 144 8.97 3.61 -39.12
N ILE A 145 8.15 2.77 -38.47
CA ILE A 145 7.09 2.06 -39.20
C ILE A 145 5.83 2.90 -39.35
N GLY A 146 5.79 4.11 -38.80
CA GLY A 146 4.68 5.01 -39.01
C GLY A 146 3.71 5.16 -37.85
N THR A 147 4.00 4.55 -36.69
CA THR A 147 3.07 4.62 -35.58
C THR A 147 3.04 6.03 -35.00
N THR A 148 1.84 6.52 -34.73
N THR A 148 1.82 6.51 -34.74
CA THR A 148 1.65 7.79 -34.04
CA THR A 148 1.56 7.81 -34.11
C THR A 148 0.42 7.65 -33.15
C THR A 148 0.48 7.61 -33.07
N TRP A 149 0.17 8.68 -32.34
CA TRP A 149 -0.87 8.62 -31.31
C TRP A 149 -1.23 10.04 -30.93
N GLY A 150 -2.20 10.17 -30.01
CA GLY A 150 -2.80 11.44 -29.67
C GLY A 150 -2.18 12.12 -28.46
N LEU A 151 -2.89 13.12 -27.95
CA LEU A 151 -2.39 14.00 -26.91
C LEU A 151 -2.24 13.25 -25.59
N GLY A 152 -1.21 13.61 -24.82
CA GLY A 152 -1.04 13.04 -23.49
C GLY A 152 0.36 12.55 -23.18
N GLY A 153 1.21 12.41 -24.20
CA GLY A 153 2.60 12.03 -23.97
C GLY A 153 2.84 10.53 -23.87
N THR A 154 4.03 10.23 -23.36
CA THR A 154 4.52 8.86 -23.36
C THR A 154 3.71 7.97 -22.44
N CYS A 155 3.49 8.40 -21.21
CA CYS A 155 2.80 7.55 -20.25
CA CYS A 155 2.80 7.55 -20.25
CA CYS A 155 2.80 7.55 -20.25
C CYS A 155 1.42 7.15 -20.75
N VAL A 156 0.64 8.13 -21.21
CA VAL A 156 -0.72 7.89 -21.65
C VAL A 156 -0.76 6.94 -22.84
N ASN A 157 0.10 7.15 -23.83
CA ASN A 157 -0.05 6.49 -25.11
C ASN A 157 0.83 5.26 -25.28
N VAL A 158 2.06 5.30 -24.76
CA VAL A 158 3.05 4.27 -25.09
C VAL A 158 3.92 3.97 -23.88
N GLY A 159 3.35 4.11 -22.68
CA GLY A 159 4.13 3.96 -21.45
C GLY A 159 3.31 3.34 -20.34
N CYS A 160 3.29 4.01 -19.19
CA CYS A 160 2.70 3.44 -17.97
C CYS A 160 1.29 2.89 -18.19
N ILE A 161 0.44 3.62 -18.91
CA ILE A 161 -0.97 3.23 -19.01
C ILE A 161 -1.13 1.93 -19.80
N PRO A 162 -0.73 1.86 -21.09
CA PRO A 162 -0.89 0.59 -21.78
C PRO A 162 -0.05 -0.53 -21.19
N LYS A 163 1.15 -0.21 -20.69
CA LYS A 163 1.96 -1.30 -20.18
C LYS A 163 1.32 -1.92 -18.95
N LYS A 164 0.74 -1.11 -18.06
CA LYS A 164 0.11 -1.66 -16.86
CA LYS A 164 0.13 -1.71 -16.87
C LYS A 164 -1.15 -2.45 -17.22
N LEU A 165 -1.88 -2.00 -18.25
CA LEU A 165 -3.06 -2.74 -18.68
C LEU A 165 -2.66 -4.11 -19.27
N MET A 166 -1.58 -4.14 -20.08
CA MET A 166 -1.08 -5.44 -20.55
C MET A 166 -0.52 -6.30 -19.45
N HIS A 167 0.14 -5.70 -18.46
CA HIS A 167 0.54 -6.43 -17.28
C HIS A 167 -0.66 -7.06 -16.59
N GLN A 168 -1.76 -6.31 -16.46
CA GLN A 168 -2.96 -6.86 -15.84
C GLN A 168 -3.50 -8.04 -16.67
N ALA A 169 -3.51 -7.92 -17.99
CA ALA A 169 -3.92 -9.05 -18.82
C ALA A 169 -3.07 -10.28 -18.51
N GLY A 170 -1.76 -10.06 -18.33
CA GLY A 170 -0.87 -11.16 -18.00
C GLY A 170 -1.13 -11.72 -16.61
N LEU A 171 -1.35 -10.84 -15.61
CA LEU A 171 -1.66 -11.31 -14.27
C LEU A 171 -2.90 -12.17 -14.25
N LEU A 172 -3.86 -11.85 -15.11
CA LEU A 172 -5.10 -12.61 -15.15
C LEU A 172 -4.89 -14.06 -15.58
N SER A 173 -3.82 -14.37 -16.32
N SER A 173 -3.82 -14.37 -16.31
CA SER A 173 -3.49 -15.78 -16.59
CA SER A 173 -3.50 -15.76 -16.60
C SER A 173 -3.36 -16.57 -15.30
C SER A 173 -3.33 -16.57 -15.32
N HIS A 174 -2.61 -16.03 -14.35
CA HIS A 174 -2.42 -16.72 -13.07
CA HIS A 174 -2.42 -16.71 -13.08
C HIS A 174 -3.70 -16.70 -12.25
N ALA A 175 -4.51 -15.66 -12.38
CA ALA A 175 -5.78 -15.64 -11.67
C ALA A 175 -6.69 -16.78 -12.16
N LEU A 176 -6.70 -17.03 -13.47
CA LEU A 176 -7.46 -18.16 -14.02
C LEU A 176 -6.98 -19.48 -13.44
N GLU A 177 -5.65 -19.66 -13.37
CA GLU A 177 -5.09 -20.87 -12.76
C GLU A 177 -5.49 -20.98 -11.29
N ASP A 178 -5.32 -19.89 -10.54
CA ASP A 178 -5.63 -19.91 -9.12
C ASP A 178 -7.10 -20.21 -8.88
N ALA A 179 -7.97 -19.70 -9.76
CA ALA A 179 -9.40 -19.86 -9.57
C ALA A 179 -9.79 -21.33 -9.45
N GLU A 180 -9.11 -22.22 -10.17
CA GLU A 180 -9.42 -23.65 -10.06
C GLU A 180 -9.22 -24.15 -8.63
N HIS A 181 -8.10 -23.79 -8.01
CA HIS A 181 -7.81 -24.23 -6.65
C HIS A 181 -8.80 -23.64 -5.65
N PHE A 182 -9.33 -22.45 -5.94
CA PHE A 182 -10.32 -21.84 -5.07
C PHE A 182 -11.73 -22.33 -5.35
N GLY A 183 -11.92 -23.32 -6.22
CA GLY A 183 -13.20 -23.98 -6.39
C GLY A 183 -13.93 -23.69 -7.69
N TRP A 184 -13.40 -22.83 -8.56
CA TRP A 184 -14.08 -22.50 -9.81
C TRP A 184 -13.85 -23.59 -10.86
N SER A 185 -14.88 -23.81 -11.69
CA SER A 185 -14.93 -24.97 -12.58
CA SER A 185 -14.97 -24.96 -12.60
C SER A 185 -14.21 -24.81 -13.91
N LEU A 186 -13.53 -23.69 -14.15
CA LEU A 186 -12.86 -23.51 -15.43
C LEU A 186 -11.63 -24.42 -15.56
N ASP A 187 -11.16 -24.59 -16.80
CA ASP A 187 -9.94 -25.33 -17.09
C ASP A 187 -8.98 -24.39 -17.84
N ARG A 188 -8.01 -23.85 -17.11
CA ARG A 188 -7.04 -22.92 -17.67
C ARG A 188 -6.40 -23.42 -18.95
N SER A 189 -6.21 -24.74 -19.08
CA SER A 189 -5.52 -25.27 -20.23
C SER A 189 -6.33 -25.18 -21.53
N LYS A 190 -7.65 -24.96 -21.44
CA LYS A 190 -8.48 -24.79 -22.63
C LYS A 190 -8.79 -23.33 -22.95
N ILE A 191 -8.16 -22.40 -22.24
CA ILE A 191 -8.41 -20.96 -22.41
CA ILE A 191 -8.42 -20.98 -22.42
C ILE A 191 -7.23 -20.35 -23.13
N SER A 192 -7.51 -19.50 -24.11
CA SER A 192 -6.47 -18.84 -24.88
C SER A 192 -6.67 -17.33 -24.82
N HIS A 193 -5.66 -16.60 -25.26
CA HIS A 193 -5.67 -15.16 -25.24
C HIS A 193 -5.70 -14.59 -26.65
N ASN A 194 -6.49 -13.55 -26.86
CA ASN A 194 -6.62 -12.86 -28.15
C ASN A 194 -5.97 -11.48 -28.01
N TRP A 195 -4.77 -11.35 -28.59
CA TRP A 195 -4.01 -10.10 -28.52
C TRP A 195 -4.82 -8.92 -29.06
N SER A 196 -5.45 -9.11 -30.22
N SER A 196 -5.46 -9.09 -30.20
CA SER A 196 -6.15 -8.00 -30.87
CA SER A 196 -6.10 -7.93 -30.80
C SER A 196 -7.30 -7.49 -30.02
C SER A 196 -7.33 -7.47 -30.02
N THR A 197 -8.01 -8.39 -29.33
CA THR A 197 -9.10 -7.96 -28.46
C THR A 197 -8.55 -7.13 -27.31
N MET A 198 -7.42 -7.55 -26.75
CA MET A 198 -6.82 -6.78 -25.67
C MET A 198 -6.35 -5.41 -26.16
N VAL A 199 -5.67 -5.36 -27.31
CA VAL A 199 -5.21 -4.08 -27.84
C VAL A 199 -6.38 -3.14 -28.11
N GLU A 200 -7.48 -3.66 -28.68
CA GLU A 200 -8.65 -2.83 -28.88
C GLU A 200 -9.15 -2.19 -27.59
N GLY A 201 -9.20 -2.97 -26.51
CA GLY A 201 -9.65 -2.40 -25.24
C GLY A 201 -8.68 -1.38 -24.69
N VAL A 202 -7.38 -1.68 -24.76
CA VAL A 202 -6.36 -0.74 -24.31
C VAL A 202 -6.46 0.55 -25.11
N GLN A 203 -6.52 0.44 -26.44
CA GLN A 203 -6.55 1.63 -27.29
C GLN A 203 -7.84 2.44 -27.12
N SER A 204 -8.96 1.78 -26.84
N SER A 204 -8.95 1.79 -26.83
CA SER A 204 -10.18 2.53 -26.54
CA SER A 204 -10.17 2.55 -26.56
C SER A 204 -9.99 3.39 -25.31
C SER A 204 -10.00 3.39 -25.30
N HIS A 205 -9.37 2.83 -24.27
CA HIS A 205 -9.10 3.63 -23.07
C HIS A 205 -8.15 4.78 -23.38
N ILE A 206 -7.06 4.51 -24.10
CA ILE A 206 -6.13 5.57 -24.47
C ILE A 206 -6.85 6.67 -25.24
N GLY A 207 -7.72 6.29 -26.19
CA GLY A 207 -8.47 7.30 -26.93
C GLY A 207 -9.33 8.17 -26.03
N SER A 208 -9.91 7.57 -24.99
CA SER A 208 -10.68 8.38 -24.04
CA SER A 208 -10.68 8.37 -24.03
C SER A 208 -9.80 9.36 -23.30
N LEU A 209 -8.55 8.99 -23.01
CA LEU A 209 -7.61 9.91 -22.38
C LEU A 209 -7.19 11.02 -23.33
N ASN A 210 -6.88 10.68 -24.60
CA ASN A 210 -6.50 11.70 -25.57
C ASN A 210 -7.60 12.76 -25.63
N TRP A 211 -8.85 12.31 -25.76
N TRP A 211 -8.85 12.31 -25.75
CA TRP A 211 -9.99 13.22 -25.85
CA TRP A 211 -9.97 13.23 -25.87
C TRP A 211 -10.17 14.01 -24.56
C TRP A 211 -10.17 14.00 -24.57
N GLY A 212 -10.04 13.33 -23.42
CA GLY A 212 -10.20 14.01 -22.14
C GLY A 212 -9.20 15.12 -21.94
N TYR A 213 -7.96 14.94 -22.43
CA TYR A 213 -7.00 16.03 -22.30
C TYR A 213 -7.35 17.21 -23.21
N LYS A 214 -7.81 16.92 -24.43
N LYS A 214 -7.83 16.93 -24.43
CA LYS A 214 -8.26 18.01 -25.29
CA LYS A 214 -8.26 18.02 -25.30
C LYS A 214 -9.39 18.79 -24.65
C LYS A 214 -9.41 18.80 -24.68
N VAL A 215 -10.37 18.08 -24.08
CA VAL A 215 -11.50 18.74 -23.40
C VAL A 215 -11.00 19.54 -22.22
N ALA A 216 -10.05 18.99 -21.45
CA ALA A 216 -9.53 19.70 -20.28
C ALA A 216 -8.83 20.98 -20.69
N LEU A 217 -8.03 20.96 -21.76
CA LEU A 217 -7.39 22.20 -22.20
C LEU A 217 -8.43 23.22 -22.65
N ARG A 218 -9.43 22.77 -23.42
CA ARG A 218 -10.50 23.68 -23.84
CA ARG A 218 -10.50 23.68 -23.84
C ARG A 218 -11.20 24.30 -22.64
N ASP A 219 -11.54 23.48 -21.64
CA ASP A 219 -12.28 23.96 -20.49
C ASP A 219 -11.46 24.91 -19.61
N ASN A 220 -10.13 24.86 -19.73
CA ASN A 220 -9.24 25.75 -19.00
CA ASN A 220 -9.26 25.76 -18.99
C ASN A 220 -8.78 26.94 -19.83
N GLN A 221 -9.35 27.12 -21.02
CA GLN A 221 -9.00 28.22 -21.92
C GLN A 221 -7.54 28.16 -22.35
N VAL A 222 -6.96 26.97 -22.41
CA VAL A 222 -5.61 26.77 -22.91
C VAL A 222 -5.69 26.56 -24.41
N THR A 223 -4.81 27.24 -25.15
CA THR A 223 -4.73 27.02 -26.60
C THR A 223 -3.89 25.78 -26.86
N TYR A 224 -4.49 24.76 -27.47
CA TYR A 224 -3.78 23.55 -27.86
C TYR A 224 -3.43 23.65 -29.33
N LEU A 225 -2.15 23.57 -29.64
CA LEU A 225 -1.66 23.56 -31.01
C LEU A 225 -1.01 22.21 -31.28
N ASN A 226 -1.58 21.44 -32.22
CA ASN A 226 -0.98 20.17 -32.63
C ASN A 226 0.08 20.49 -33.66
N ALA A 227 1.23 20.94 -33.16
CA ALA A 227 2.27 21.53 -33.98
C ALA A 227 3.61 21.29 -33.30
N LYS A 228 4.65 21.18 -34.13
N LYS A 228 4.65 21.19 -34.12
CA LYS A 228 6.00 21.03 -33.63
CA LYS A 228 6.00 21.03 -33.62
C LYS A 228 6.58 22.40 -33.30
C LYS A 228 6.57 22.40 -33.29
N GLY A 229 7.10 22.55 -32.07
CA GLY A 229 7.67 23.79 -31.63
C GLY A 229 9.19 23.77 -31.64
N ARG A 230 9.77 24.93 -31.92
CA ARG A 230 11.22 25.09 -31.83
C ARG A 230 11.49 26.44 -31.21
N LEU A 231 12.24 26.45 -30.11
CA LEU A 231 12.60 27.70 -29.45
C LEU A 231 13.75 28.34 -30.22
N ILE A 232 13.50 29.49 -30.82
CA ILE A 232 14.49 30.13 -31.68
C ILE A 232 15.13 31.36 -31.05
N SER A 233 14.55 31.90 -29.99
CA SER A 233 15.14 32.91 -29.12
C SER A 233 14.40 32.81 -27.79
N PRO A 234 14.84 33.51 -26.74
CA PRO A 234 14.21 33.28 -25.42
C PRO A 234 12.69 33.37 -25.40
N HIS A 235 12.09 34.26 -26.20
CA HIS A 235 10.65 34.45 -26.17
C HIS A 235 9.94 34.05 -27.45
N GLU A 236 10.63 33.51 -28.44
CA GLU A 236 10.04 33.18 -29.73
CA GLU A 236 10.03 33.18 -29.73
C GLU A 236 10.04 31.68 -29.96
N VAL A 237 8.87 31.13 -30.25
CA VAL A 237 8.74 29.72 -30.57
C VAL A 237 8.24 29.63 -32.00
N GLN A 238 9.00 28.98 -32.86
CA GLN A 238 8.57 28.71 -34.22
CA GLN A 238 8.55 28.72 -34.21
C GLN A 238 7.73 27.43 -34.22
N ILE A 239 6.56 27.49 -34.84
CA ILE A 239 5.65 26.35 -34.88
C ILE A 239 5.48 25.91 -36.32
N THR A 240 5.47 24.60 -36.53
CA THR A 240 5.18 23.98 -37.81
C THR A 240 3.92 23.15 -37.64
N ASP A 241 2.87 23.51 -38.37
CA ASP A 241 1.56 22.90 -38.18
C ASP A 241 1.38 21.67 -39.06
N LYS A 242 0.18 21.08 -39.01
CA LYS A 242 -0.08 19.84 -39.74
C LYS A 242 0.04 20.00 -41.25
N ASN A 243 -0.09 21.22 -41.78
CA ASN A 243 0.04 21.48 -43.20
C ASN A 243 1.41 22.04 -43.57
N GLN A 244 2.38 21.93 -42.67
CA GLN A 244 3.75 22.42 -42.87
C GLN A 244 3.84 23.93 -42.90
N LYS A 245 2.80 24.64 -42.46
CA LYS A 245 2.86 26.08 -42.36
C LYS A 245 3.70 26.46 -41.15
N VAL A 246 4.65 27.38 -41.36
CA VAL A 246 5.61 27.80 -40.34
C VAL A 246 5.27 29.22 -39.92
N SER A 247 5.22 29.45 -38.61
CA SER A 247 4.97 30.78 -38.06
C SER A 247 5.66 30.87 -36.72
N THR A 248 5.64 32.07 -36.14
CA THR A 248 6.26 32.33 -34.85
C THR A 248 5.23 32.87 -33.87
N ILE A 249 5.20 32.29 -32.67
CA ILE A 249 4.44 32.85 -31.56
C ILE A 249 5.42 33.24 -30.46
N THR A 250 5.01 34.15 -29.61
CA THR A 250 5.88 34.61 -28.55
CA THR A 250 5.87 34.66 -28.55
C THR A 250 5.27 34.40 -27.17
N GLY A 251 6.13 34.19 -26.19
CA GLY A 251 5.68 33.88 -24.84
C GLY A 251 6.61 34.49 -23.83
N ASN A 252 6.04 34.90 -22.70
CA ASN A 252 6.86 35.45 -21.63
C ASN A 252 7.71 34.34 -21.00
N LYS A 253 7.07 33.34 -20.43
CA LYS A 253 7.74 32.17 -19.87
CA LYS A 253 7.74 32.17 -19.87
C LYS A 253 7.60 31.00 -20.82
N ILE A 254 8.65 30.19 -20.91
CA ILE A 254 8.65 28.99 -21.75
C ILE A 254 8.94 27.79 -20.87
N ILE A 255 8.16 26.74 -21.02
CA ILE A 255 8.43 25.46 -20.35
C ILE A 255 8.73 24.42 -21.41
N LEU A 256 9.95 23.87 -21.37
CA LEU A 256 10.35 22.76 -22.23
C LEU A 256 9.94 21.47 -21.54
N ALA A 257 9.15 20.65 -22.23
CA ALA A 257 8.59 19.43 -21.65
C ALA A 257 8.43 18.39 -22.75
N THR A 258 9.47 18.19 -23.55
CA THR A 258 9.38 17.43 -24.78
C THR A 258 9.74 15.95 -24.62
N GLY A 259 10.16 15.53 -23.43
CA GLY A 259 10.34 14.09 -23.20
C GLY A 259 11.43 13.45 -24.03
N GLU A 260 11.34 12.13 -24.14
CA GLU A 260 12.36 11.32 -24.80
C GLU A 260 11.69 10.35 -25.76
N ARG A 261 12.51 9.67 -26.57
CA ARG A 261 12.02 8.60 -27.44
C ARG A 261 12.99 7.43 -27.39
N PRO A 262 12.53 6.22 -27.76
CA PRO A 262 13.43 5.04 -27.71
C PRO A 262 14.64 5.18 -28.62
N LYS A 263 15.77 4.66 -28.13
CA LYS A 263 16.99 4.50 -28.92
C LYS A 263 16.95 3.18 -29.70
N TYR A 264 17.70 3.15 -30.80
CA TYR A 264 17.98 1.93 -31.53
C TYR A 264 19.47 1.69 -31.54
N PRO A 265 19.92 0.44 -31.46
CA PRO A 265 21.34 0.17 -31.69
C PRO A 265 21.69 0.45 -33.15
N GLU A 266 22.95 0.85 -33.35
CA GLU A 266 23.43 1.15 -34.70
C GLU A 266 23.97 -0.13 -35.33
N ILE A 267 23.02 -0.98 -35.74
CA ILE A 267 23.33 -2.24 -36.41
C ILE A 267 22.43 -2.37 -37.63
N PRO A 268 22.86 -3.10 -38.66
CA PRO A 268 22.00 -3.27 -39.84
C PRO A 268 20.69 -3.96 -39.48
N GLY A 269 19.60 -3.43 -40.03
CA GLY A 269 18.29 -4.03 -39.88
C GLY A 269 17.51 -3.57 -38.67
N ALA A 270 18.12 -2.83 -37.74
CA ALA A 270 17.41 -2.52 -36.50
C ALA A 270 16.21 -1.62 -36.74
N VAL A 271 16.41 -0.50 -37.43
CA VAL A 271 15.34 0.45 -37.68
C VAL A 271 14.33 -0.13 -38.67
N GLU A 272 14.82 -0.90 -39.65
CA GLU A 272 13.96 -1.42 -40.69
C GLU A 272 13.04 -2.51 -40.17
N TYR A 273 13.56 -3.43 -39.35
CA TYR A 273 12.86 -4.68 -39.07
C TYR A 273 12.47 -4.88 -37.62
N GLY A 274 13.10 -4.17 -36.68
CA GLY A 274 12.70 -4.23 -35.28
C GLY A 274 11.66 -3.17 -34.96
N ILE A 275 11.16 -3.24 -33.72
CA ILE A 275 10.21 -2.26 -33.21
C ILE A 275 10.68 -1.83 -31.82
N THR A 276 9.98 -0.87 -31.24
CA THR A 276 10.20 -0.48 -29.84
C THR A 276 8.87 -0.48 -29.11
N SER A 277 8.91 -0.10 -27.82
CA SER A 277 7.69 0.07 -27.05
C SER A 277 6.71 1.04 -27.71
N ASP A 278 7.22 2.04 -28.46
CA ASP A 278 6.32 2.96 -29.15
C ASP A 278 5.36 2.24 -30.09
N ASP A 279 5.82 1.14 -30.70
CA ASP A 279 4.98 0.37 -31.63
C ASP A 279 4.19 -0.74 -30.95
N LEU A 280 4.71 -1.27 -29.85
CA LEU A 280 4.14 -2.48 -29.27
C LEU A 280 2.69 -2.29 -28.84
N PHE A 281 2.38 -1.13 -28.25
CA PHE A 281 1.10 -1.00 -27.54
C PHE A 281 -0.09 -0.84 -28.45
N SER A 282 0.12 -0.61 -29.74
CA SER A 282 -0.95 -0.57 -30.73
C SER A 282 -0.76 -1.61 -31.82
N LEU A 283 0.15 -2.54 -31.64
CA LEU A 283 0.49 -3.49 -32.70
C LEU A 283 -0.76 -4.27 -33.08
N PRO A 284 -1.13 -4.34 -34.36
CA PRO A 284 -2.40 -5.00 -34.70
C PRO A 284 -2.36 -6.52 -34.62
N TYR A 285 -1.18 -7.12 -34.59
CA TYR A 285 -1.01 -8.57 -34.52
CA TYR A 285 -1.01 -8.56 -34.52
C TYR A 285 -0.19 -8.91 -33.30
N PHE A 286 -0.37 -10.13 -32.78
CA PHE A 286 0.45 -10.58 -31.67
C PHE A 286 1.90 -10.67 -32.14
N PRO A 287 2.87 -10.19 -31.36
CA PRO A 287 4.27 -10.27 -31.79
C PRO A 287 4.74 -11.67 -32.13
N GLY A 288 4.12 -12.71 -31.58
CA GLY A 288 4.62 -14.05 -31.85
C GLY A 288 5.90 -14.32 -31.07
N LYS A 289 6.74 -15.22 -31.60
CA LYS A 289 8.01 -15.49 -30.95
C LYS A 289 8.86 -14.23 -30.97
N THR A 290 9.24 -13.76 -29.79
CA THR A 290 9.76 -12.42 -29.62
C THR A 290 11.12 -12.44 -28.94
N LEU A 291 12.02 -11.59 -29.45
CA LEU A 291 13.27 -11.26 -28.78
C LEU A 291 13.18 -9.82 -28.30
N VAL A 292 13.44 -9.62 -27.01
CA VAL A 292 13.56 -8.29 -26.43
C VAL A 292 15.05 -8.06 -26.20
N ILE A 293 15.59 -7.02 -26.82
CA ILE A 293 16.99 -6.65 -26.66
C ILE A 293 17.05 -5.54 -25.63
N GLY A 294 17.72 -5.80 -24.51
CA GLY A 294 17.81 -4.85 -23.42
C GLY A 294 17.36 -5.46 -22.11
N ALA A 295 17.61 -4.71 -21.03
CA ALA A 295 17.39 -5.25 -19.69
C ALA A 295 16.91 -4.17 -18.71
N SER A 296 16.39 -3.07 -19.22
CA SER A 296 15.77 -2.02 -18.44
C SER A 296 14.42 -2.49 -17.91
N TYR A 297 13.78 -1.65 -17.09
CA TYR A 297 12.44 -2.00 -16.64
C TYR A 297 11.48 -2.14 -17.81
N VAL A 298 11.67 -1.32 -18.87
CA VAL A 298 10.81 -1.43 -20.05
C VAL A 298 10.98 -2.81 -20.68
N ALA A 299 12.23 -3.23 -20.87
CA ALA A 299 12.51 -4.53 -21.45
C ALA A 299 11.85 -5.65 -20.66
N LEU A 300 12.04 -5.64 -19.34
CA LEU A 300 11.57 -6.76 -18.54
C LEU A 300 10.06 -6.75 -18.36
N GLU A 301 9.46 -5.57 -18.26
CA GLU A 301 8.01 -5.49 -18.11
C GLU A 301 7.35 -6.04 -19.37
N CYS A 302 7.88 -5.67 -20.52
CA CYS A 302 7.26 -6.07 -21.78
C CYS A 302 7.48 -7.57 -22.01
N ALA A 303 8.71 -8.04 -21.74
CA ALA A 303 8.96 -9.48 -21.85
C ALA A 303 8.05 -10.26 -20.92
N GLY A 304 7.87 -9.75 -19.70
CA GLY A 304 7.06 -10.45 -18.72
C GLY A 304 5.62 -10.63 -19.14
N PHE A 305 4.99 -9.55 -19.60
CA PHE A 305 3.58 -9.72 -19.98
C PHE A 305 3.44 -10.52 -21.25
N LEU A 306 4.38 -10.40 -22.20
CA LEU A 306 4.27 -11.22 -23.40
C LEU A 306 4.34 -12.70 -23.07
N ALA A 307 5.22 -13.08 -22.13
CA ALA A 307 5.30 -14.48 -21.71
C ALA A 307 4.02 -14.92 -21.00
N SER A 308 3.46 -14.07 -20.14
CA SER A 308 2.24 -14.44 -19.43
C SER A 308 1.05 -14.59 -20.36
N LEU A 309 1.04 -13.86 -21.48
CA LEU A 309 -0.02 -14.02 -22.46
C LEU A 309 0.12 -15.32 -23.25
N GLY A 310 1.24 -16.04 -23.10
CA GLY A 310 1.47 -17.27 -23.81
C GLY A 310 2.55 -17.22 -24.85
N GLY A 311 3.27 -16.09 -24.97
CA GLY A 311 4.28 -15.98 -26.00
C GLY A 311 5.60 -16.66 -25.66
N ASP A 312 6.33 -16.98 -26.71
CA ASP A 312 7.68 -17.50 -26.63
C ASP A 312 8.62 -16.28 -26.63
N VAL A 313 9.22 -15.98 -25.49
CA VAL A 313 9.96 -14.74 -25.29
C VAL A 313 11.37 -15.01 -24.81
N THR A 314 12.33 -14.29 -25.40
CA THR A 314 13.72 -14.29 -25.01
C THR A 314 14.17 -12.85 -24.77
N VAL A 315 14.96 -12.64 -23.73
CA VAL A 315 15.56 -11.33 -23.43
C VAL A 315 17.07 -11.45 -23.62
N MET A 316 17.63 -10.60 -24.48
CA MET A 316 19.08 -10.48 -24.68
C MET A 316 19.67 -9.43 -23.77
N VAL A 317 20.54 -9.85 -22.85
CA VAL A 317 21.08 -9.00 -21.80
C VAL A 317 22.56 -8.75 -22.06
N ARG A 318 22.92 -7.49 -22.31
CA ARG A 318 24.32 -7.14 -22.53
C ARG A 318 25.19 -7.43 -21.31
N SER A 319 24.74 -7.01 -20.12
CA SER A 319 25.51 -7.20 -18.89
C SER A 319 24.61 -7.67 -17.76
N ILE A 320 23.90 -6.73 -17.12
CA ILE A 320 23.09 -7.01 -15.94
C ILE A 320 21.64 -6.59 -16.18
N LEU A 321 20.75 -7.06 -15.31
CA LEU A 321 19.35 -6.64 -15.31
C LEU A 321 19.19 -5.38 -14.46
N LEU A 322 18.32 -4.47 -14.92
CA LEU A 322 17.88 -3.34 -14.10
C LEU A 322 19.07 -2.56 -13.51
N ARG A 323 20.02 -2.22 -14.37
CA ARG A 323 21.13 -1.38 -13.94
C ARG A 323 20.58 -0.11 -13.30
N GLY A 324 21.17 0.25 -12.16
CA GLY A 324 20.71 1.36 -11.36
C GLY A 324 19.78 0.97 -10.23
N PHE A 325 19.21 -0.23 -10.26
CA PHE A 325 18.41 -0.76 -9.17
C PHE A 325 19.23 -1.72 -8.34
N ASP A 326 18.81 -1.89 -7.08
CA ASP A 326 19.39 -2.89 -6.18
C ASP A 326 19.54 -4.23 -6.89
N GLN A 327 20.77 -4.74 -6.95
CA GLN A 327 21.06 -5.90 -7.79
C GLN A 327 20.63 -7.22 -7.17
N GLN A 328 20.51 -7.31 -5.84
CA GLN A 328 19.86 -8.48 -5.26
C GLN A 328 18.40 -8.57 -5.71
N MET A 329 17.67 -7.46 -5.61
CA MET A 329 16.29 -7.41 -6.11
C MET A 329 16.21 -7.71 -7.60
N ALA A 330 17.13 -7.16 -8.40
CA ALA A 330 17.11 -7.41 -9.84
C ALA A 330 17.26 -8.89 -10.15
N GLU A 331 18.18 -9.57 -9.45
CA GLU A 331 18.37 -11.00 -9.66
CA GLU A 331 18.37 -11.00 -9.66
C GLU A 331 17.10 -11.77 -9.31
N LYS A 332 16.44 -11.40 -8.20
CA LYS A 332 15.20 -12.09 -7.82
C LYS A 332 14.10 -11.85 -8.86
N VAL A 333 14.02 -10.61 -9.39
CA VAL A 333 13.03 -10.32 -10.44
C VAL A 333 13.26 -11.21 -11.65
N GLY A 334 14.52 -11.30 -12.09
CA GLY A 334 14.83 -12.09 -13.27
C GLY A 334 14.66 -13.58 -13.03
N ASP A 335 15.01 -14.06 -11.84
CA ASP A 335 14.85 -15.48 -11.55
C ASP A 335 13.38 -15.89 -11.61
N TYR A 336 12.49 -15.05 -11.07
CA TYR A 336 11.07 -15.35 -11.17
C TYR A 336 10.64 -15.43 -12.63
N MET A 337 11.07 -14.45 -13.44
CA MET A 337 10.67 -14.43 -14.85
C MET A 337 11.16 -15.70 -15.55
N GLU A 338 12.40 -16.11 -15.25
CA GLU A 338 12.96 -17.28 -15.89
C GLU A 338 12.23 -18.55 -15.47
N ASN A 339 11.80 -18.63 -14.21
CA ASN A 339 11.00 -19.78 -13.78
CA ASN A 339 11.00 -19.77 -13.77
C ASN A 339 9.61 -19.76 -14.37
N HIS A 340 9.16 -18.64 -14.90
CA HIS A 340 7.81 -18.50 -15.46
CA HIS A 340 7.81 -18.50 -15.46
C HIS A 340 7.84 -18.19 -16.94
N GLY A 341 8.80 -18.78 -17.65
CA GLY A 341 8.73 -18.86 -19.09
C GLY A 341 9.63 -17.95 -19.88
N VAL A 342 10.24 -16.94 -19.28
CA VAL A 342 11.10 -16.02 -20.04
C VAL A 342 12.49 -16.63 -20.16
N LYS A 343 13.00 -16.70 -21.39
CA LYS A 343 14.36 -17.16 -21.61
CA LYS A 343 14.36 -17.16 -21.61
C LYS A 343 15.29 -15.96 -21.66
N PHE A 344 16.51 -16.16 -21.18
CA PHE A 344 17.52 -15.10 -21.15
C PHE A 344 18.76 -15.53 -21.93
N ALA A 345 19.17 -14.69 -22.87
CA ALA A 345 20.46 -14.82 -23.55
C ALA A 345 21.39 -13.84 -22.84
N LYS A 346 22.22 -14.36 -21.95
CA LYS A 346 23.01 -13.54 -21.04
CA LYS A 346 23.01 -13.54 -21.04
C LYS A 346 24.37 -13.20 -21.64
N LEU A 347 24.85 -12.00 -21.33
CA LEU A 347 26.16 -11.53 -21.80
C LEU A 347 26.24 -11.55 -23.33
N CYS A 348 25.23 -10.97 -23.96
CA CYS A 348 25.03 -11.13 -25.39
C CYS A 348 24.54 -9.81 -25.99
N VAL A 349 25.00 -9.50 -27.20
CA VAL A 349 24.58 -8.30 -27.93
C VAL A 349 24.23 -8.66 -29.36
N PRO A 350 23.35 -7.90 -30.01
CA PRO A 350 23.03 -8.15 -31.42
C PRO A 350 24.01 -7.46 -32.36
N ASP A 351 24.25 -8.13 -33.50
CA ASP A 351 25.07 -7.58 -34.58
C ASP A 351 24.28 -7.20 -35.82
N GLU A 352 23.19 -7.90 -36.11
CA GLU A 352 22.44 -7.58 -37.31
C GLU A 352 21.09 -8.28 -37.27
N ILE A 353 20.11 -7.64 -37.88
CA ILE A 353 18.76 -8.19 -38.03
C ILE A 353 18.53 -8.36 -39.54
N LYS A 354 18.24 -9.59 -39.95
CA LYS A 354 17.94 -9.89 -41.35
C LYS A 354 16.47 -10.28 -41.50
N GLN A 355 15.85 -9.82 -42.58
CA GLN A 355 14.44 -10.10 -42.83
C GLN A 355 14.27 -11.39 -43.60
N LEU A 356 13.50 -12.33 -43.03
CA LEU A 356 13.12 -13.57 -43.71
C LEU A 356 11.70 -13.54 -44.26
N LYS A 357 10.79 -12.81 -43.60
CA LYS A 357 9.44 -12.59 -44.10
CA LYS A 357 9.45 -12.59 -44.09
C LYS A 357 9.04 -11.17 -43.76
N VAL A 358 8.38 -10.51 -44.72
CA VAL A 358 7.77 -9.21 -44.49
C VAL A 358 6.53 -9.38 -43.63
N VAL A 359 6.24 -8.37 -42.79
CA VAL A 359 4.99 -8.36 -42.03
C VAL A 359 3.81 -8.48 -42.98
N ASP A 360 2.85 -9.31 -42.61
CA ASP A 360 1.68 -9.58 -43.44
C ASP A 360 0.53 -8.74 -42.90
N THR A 361 0.39 -7.53 -43.44
CA THR A 361 -0.63 -6.60 -42.95
C THR A 361 -2.04 -7.05 -43.28
N GLU A 362 -2.20 -7.86 -44.33
CA GLU A 362 -3.55 -8.27 -44.74
C GLU A 362 -4.06 -9.42 -43.89
N ASN A 363 -3.24 -10.44 -43.65
CA ASN A 363 -3.60 -11.54 -42.76
C ASN A 363 -3.26 -11.26 -41.30
N ASN A 364 -2.76 -10.06 -41.01
CA ASN A 364 -2.53 -9.61 -39.64
C ASN A 364 -1.59 -10.57 -38.88
N LYS A 365 -0.40 -10.75 -39.45
CA LYS A 365 0.60 -11.63 -38.87
C LYS A 365 1.94 -10.93 -38.91
N PRO A 366 2.80 -11.17 -37.93
CA PRO A 366 4.17 -10.64 -38.00
C PRO A 366 4.94 -11.29 -39.14
N GLY A 367 6.11 -10.73 -39.41
CA GLY A 367 7.06 -11.33 -40.33
C GLY A 367 7.94 -12.35 -39.62
N LEU A 368 9.18 -12.43 -40.09
CA LEU A 368 10.13 -13.38 -39.53
C LEU A 368 11.52 -12.80 -39.75
N LEU A 369 12.35 -12.84 -38.71
CA LEU A 369 13.65 -12.19 -38.72
C LEU A 369 14.72 -13.17 -38.27
N LEU A 370 15.91 -13.01 -38.81
CA LEU A 370 17.08 -13.73 -38.33
C LEU A 370 17.93 -12.75 -37.55
N VAL A 371 18.17 -13.06 -36.28
CA VAL A 371 19.00 -12.22 -35.43
C VAL A 371 20.36 -12.87 -35.26
N LYS A 372 21.41 -12.14 -35.60
CA LYS A 372 22.77 -12.59 -35.40
C LYS A 372 23.41 -11.71 -34.33
N GLY A 373 24.10 -12.34 -33.39
CA GLY A 373 24.74 -11.59 -32.34
C GLY A 373 25.94 -12.35 -31.81
N HIS A 374 26.49 -11.92 -30.68
CA HIS A 374 27.58 -12.67 -30.08
C HIS A 374 27.63 -12.44 -28.59
N TYR A 375 28.15 -13.44 -27.90
CA TYR A 375 28.38 -13.41 -26.47
C TYR A 375 29.72 -12.77 -26.17
N THR A 376 29.92 -12.39 -24.90
CA THR A 376 31.14 -11.67 -24.56
C THR A 376 32.40 -12.51 -24.79
N ASP A 377 32.29 -13.83 -24.76
CA ASP A 377 33.43 -14.70 -25.06
C ASP A 377 33.66 -14.89 -26.54
N GLY A 378 32.87 -14.26 -27.41
CA GLY A 378 33.02 -14.37 -28.84
C GLY A 378 32.14 -15.40 -29.50
N LYS A 379 31.52 -16.30 -28.74
CA LYS A 379 30.63 -17.29 -29.35
C LYS A 379 29.45 -16.61 -30.03
N LYS A 380 28.95 -17.24 -31.08
CA LYS A 380 27.92 -16.62 -31.91
C LYS A 380 26.53 -16.93 -31.38
N PHE A 381 25.63 -15.96 -31.54
CA PHE A 381 24.20 -16.13 -31.35
C PHE A 381 23.55 -16.07 -32.73
N GLU A 382 22.65 -17.00 -33.02
CA GLU A 382 21.90 -16.93 -34.27
C GLU A 382 20.57 -17.64 -34.07
N GLU A 383 19.47 -16.90 -34.17
CA GLU A 383 18.15 -17.47 -33.92
CA GLU A 383 18.14 -17.47 -33.91
C GLU A 383 17.11 -16.67 -34.67
N GLU A 384 16.01 -17.32 -35.03
CA GLU A 384 14.90 -16.68 -35.71
C GLU A 384 13.82 -16.23 -34.72
N PHE A 385 13.24 -15.06 -34.98
CA PHE A 385 12.16 -14.50 -34.18
C PHE A 385 11.15 -13.84 -35.09
N GLU A 386 9.89 -13.83 -34.66
CA GLU A 386 8.88 -13.14 -35.46
C GLU A 386 8.92 -11.64 -35.21
N THR A 387 9.24 -11.23 -33.97
CA THR A 387 9.33 -9.82 -33.60
C THR A 387 10.59 -9.59 -32.79
N VAL A 388 11.26 -8.47 -33.04
CA VAL A 388 12.42 -8.03 -32.26
C VAL A 388 12.10 -6.65 -31.70
N ILE A 389 12.09 -6.55 -30.37
CA ILE A 389 11.80 -5.29 -29.67
C ILE A 389 13.10 -4.77 -29.07
N PHE A 390 13.46 -3.55 -29.42
CA PHE A 390 14.61 -2.89 -28.83
C PHE A 390 14.16 -2.08 -27.62
N ALA A 391 14.76 -2.37 -26.46
CA ALA A 391 14.53 -1.60 -25.24
C ALA A 391 15.91 -1.31 -24.65
N VAL A 392 16.63 -0.41 -25.33
CA VAL A 392 18.04 -0.14 -25.07
C VAL A 392 18.24 1.30 -24.63
N GLY A 393 17.23 1.86 -23.96
CA GLY A 393 17.29 3.21 -23.43
C GLY A 393 16.49 4.18 -24.26
N ARG A 394 16.33 5.38 -23.69
CA ARG A 394 15.57 6.47 -24.28
C ARG A 394 16.44 7.72 -24.24
N GLU A 395 16.18 8.65 -25.16
CA GLU A 395 17.02 9.82 -25.32
C GLU A 395 16.19 11.06 -25.61
N PRO A 396 16.60 12.21 -25.11
CA PRO A 396 15.95 13.46 -25.50
C PRO A 396 16.39 13.79 -26.91
N GLN A 397 15.62 14.66 -27.54
CA GLN A 397 15.89 15.01 -28.93
C GLN A 397 15.83 16.53 -29.06
N LEU A 398 16.61 17.21 -28.23
CA LEU A 398 16.52 18.66 -28.11
C LEU A 398 17.14 19.43 -29.25
N SER A 399 18.01 18.80 -30.04
CA SER A 399 18.60 19.51 -31.18
C SER A 399 17.52 20.08 -32.08
N LYS A 400 16.38 19.39 -32.19
CA LYS A 400 15.28 19.92 -32.99
C LYS A 400 14.31 20.78 -32.20
N VAL A 401 14.34 20.71 -30.87
CA VAL A 401 13.48 21.55 -30.04
C VAL A 401 14.09 22.93 -29.80
N LEU A 402 15.41 23.02 -29.77
CA LEU A 402 16.12 24.18 -29.26
C LEU A 402 17.18 24.62 -30.25
N CYS A 403 17.12 25.87 -30.67
CA CYS A 403 18.22 26.43 -31.43
CA CYS A 403 18.22 26.44 -31.42
C CYS A 403 19.41 26.67 -30.50
N GLU A 404 20.60 26.31 -30.97
CA GLU A 404 21.78 26.41 -30.13
C GLU A 404 22.06 27.85 -29.72
N THR A 405 21.65 28.82 -30.53
CA THR A 405 21.91 30.22 -30.21
C THR A 405 21.07 30.75 -29.06
N VAL A 406 20.04 30.01 -28.61
CA VAL A 406 19.24 30.50 -27.50
C VAL A 406 20.05 30.52 -26.21
N GLY A 407 20.98 29.58 -26.04
CA GLY A 407 21.83 29.56 -24.86
C GLY A 407 21.35 28.67 -23.72
N VAL A 408 20.48 27.70 -23.99
CA VAL A 408 20.06 26.72 -22.99
C VAL A 408 21.11 25.63 -22.88
N LYS A 409 21.73 25.51 -21.71
CA LYS A 409 22.82 24.55 -21.53
C LYS A 409 22.27 23.12 -21.42
N LEU A 410 22.91 22.21 -22.17
CA LEU A 410 22.63 20.78 -22.10
C LEU A 410 23.85 20.06 -21.54
N ASP A 411 23.61 18.92 -20.90
CA ASP A 411 24.70 18.09 -20.40
C ASP A 411 25.20 17.16 -21.50
N LYS A 412 26.14 16.27 -21.13
CA LYS A 412 26.75 15.38 -22.10
C LYS A 412 25.77 14.39 -22.72
N ASN A 413 24.63 14.16 -22.09
CA ASN A 413 23.60 13.27 -22.62
C ASN A 413 22.53 14.01 -23.38
N GLY A 414 22.64 15.32 -23.52
CA GLY A 414 21.63 16.08 -24.22
C GLY A 414 20.43 16.47 -23.39
N ARG A 415 20.50 16.36 -22.06
CA ARG A 415 19.41 16.80 -21.19
C ARG A 415 19.69 18.20 -20.66
N VAL A 416 18.63 18.89 -20.22
CA VAL A 416 18.72 20.31 -19.85
C VAL A 416 19.25 20.45 -18.44
N VAL A 417 20.24 21.31 -18.26
CA VAL A 417 20.83 21.58 -16.94
C VAL A 417 19.99 22.65 -16.24
N CYS A 418 19.40 22.29 -15.10
CA CYS A 418 18.35 23.10 -14.52
C CYS A 418 18.75 23.40 -13.06
N THR A 419 18.31 24.55 -12.56
CA THR A 419 18.41 24.84 -11.12
C THR A 419 17.35 24.02 -10.37
N ASP A 420 17.36 24.14 -9.04
CA ASP A 420 16.40 23.41 -8.21
C ASP A 420 14.97 23.94 -8.33
N ASP A 421 14.75 25.01 -9.10
CA ASP A 421 13.41 25.50 -9.42
C ASP A 421 13.11 25.38 -10.91
N GLU A 422 13.79 24.46 -11.59
CA GLU A 422 13.57 24.08 -12.99
C GLU A 422 14.06 25.12 -14.00
N GLN A 423 14.72 26.18 -13.56
CA GLN A 423 15.19 27.21 -14.47
C GLN A 423 16.41 26.76 -15.26
N THR A 424 16.39 27.02 -16.57
CA THR A 424 17.54 26.76 -17.42
C THR A 424 18.52 27.91 -17.28
N THR A 425 19.58 27.90 -18.11
CA THR A 425 20.54 29.00 -18.18
C THR A 425 19.97 30.23 -18.88
N VAL A 426 18.75 30.17 -19.39
CA VAL A 426 18.03 31.31 -19.93
C VAL A 426 16.89 31.62 -18.96
N SER A 427 16.83 32.87 -18.48
CA SER A 427 16.11 33.20 -17.25
C SER A 427 14.61 32.93 -17.31
N ASN A 428 13.98 33.05 -18.48
CA ASN A 428 12.55 32.86 -18.63
C ASN A 428 12.18 31.48 -19.12
N VAL A 429 13.16 30.60 -19.32
CA VAL A 429 12.94 29.27 -19.87
C VAL A 429 13.20 28.23 -18.79
N TYR A 430 12.27 27.28 -18.66
CA TYR A 430 12.30 26.24 -17.64
C TYR A 430 12.20 24.90 -18.34
N ALA A 431 12.61 23.82 -17.66
CA ALA A 431 12.47 22.48 -18.22
C ALA A 431 11.98 21.53 -17.14
N ILE A 432 11.08 20.62 -17.52
CA ILE A 432 10.48 19.68 -16.59
C ILE A 432 10.42 18.31 -17.22
N GLY A 433 10.21 17.30 -16.37
CA GLY A 433 10.03 15.96 -16.86
C GLY A 433 11.34 15.27 -17.23
N ASP A 434 11.25 14.36 -18.19
CA ASP A 434 12.38 13.48 -18.45
C ASP A 434 13.60 14.22 -18.99
N ILE A 435 13.43 15.41 -19.59
CA ILE A 435 14.56 16.17 -20.13
C ILE A 435 15.32 16.97 -19.08
N ASN A 436 14.83 17.02 -17.84
CA ASN A 436 15.53 17.76 -16.78
C ASN A 436 16.64 16.85 -16.24
N ALA A 437 17.89 17.23 -16.50
CA ALA A 437 19.03 16.37 -16.21
C ALA A 437 19.07 15.99 -14.72
N GLY A 438 19.31 14.71 -14.46
CA GLY A 438 19.54 14.21 -13.13
C GLY A 438 18.29 13.85 -12.34
N LYS A 439 17.12 14.10 -12.87
CA LYS A 439 15.89 13.86 -12.11
C LYS A 439 15.30 12.48 -12.40
N PRO A 440 14.61 11.87 -11.43
CA PRO A 440 13.90 10.62 -11.70
C PRO A 440 12.92 10.79 -12.85
N GLN A 441 12.95 9.86 -13.79
CA GLN A 441 12.19 9.95 -15.02
C GLN A 441 10.88 9.18 -14.84
N LEU A 442 9.93 9.83 -14.17
CA LEU A 442 8.68 9.21 -13.76
C LEU A 442 7.54 10.19 -13.97
N THR A 443 6.36 9.64 -14.24
CA THR A 443 5.19 10.48 -14.51
C THR A 443 4.81 11.38 -13.34
N PRO A 444 4.69 10.88 -12.10
CA PRO A 444 4.24 11.77 -11.03
C PRO A 444 5.27 12.83 -10.70
N VAL A 445 6.55 12.58 -11.00
CA VAL A 445 7.59 13.60 -10.83
C VAL A 445 7.37 14.73 -11.82
N ALA A 446 7.15 14.39 -13.10
CA ALA A 446 6.89 15.40 -14.11
C ALA A 446 5.66 16.23 -13.76
N ILE A 447 4.60 15.58 -13.27
CA ILE A 447 3.36 16.27 -12.93
C ILE A 447 3.57 17.22 -11.75
N GLN A 448 4.21 16.74 -10.67
CA GLN A 448 4.49 17.61 -9.54
C GLN A 448 5.36 18.79 -9.97
N ALA A 449 6.40 18.52 -10.76
CA ALA A 449 7.31 19.59 -11.16
C ALA A 449 6.54 20.65 -11.94
N GLY A 450 5.72 20.22 -12.89
CA GLY A 450 5.00 21.17 -13.71
C GLY A 450 3.96 21.97 -12.93
N ARG A 451 3.21 21.29 -12.06
CA ARG A 451 2.20 21.99 -11.27
C ARG A 451 2.85 22.98 -10.31
N TYR A 452 3.92 22.55 -9.63
CA TYR A 452 4.54 23.41 -8.64
C TYR A 452 5.22 24.60 -9.32
N LEU A 453 5.82 24.36 -10.50
CA LEU A 453 6.45 25.45 -11.24
C LEU A 453 5.41 26.49 -11.67
N ALA A 454 4.29 26.04 -12.23
CA ALA A 454 3.24 26.96 -12.64
C ALA A 454 2.78 27.83 -11.46
N ARG A 455 2.68 27.24 -10.27
CA ARG A 455 2.26 28.01 -9.10
C ARG A 455 3.31 29.03 -8.69
N ARG A 456 4.60 28.70 -8.81
CA ARG A 456 5.64 29.68 -8.50
C ARG A 456 5.65 30.81 -9.52
N LEU A 457 5.47 30.49 -10.80
CA LEU A 457 5.50 31.53 -11.83
C LEU A 457 4.30 32.46 -11.71
N PHE A 458 3.11 31.90 -11.48
CA PHE A 458 1.88 32.66 -11.70
C PHE A 458 1.06 32.91 -10.46
N ALA A 459 1.42 32.32 -9.31
CA ALA A 459 0.65 32.51 -8.10
C ALA A 459 1.52 32.87 -6.90
N GLY A 460 2.78 33.21 -7.12
CA GLY A 460 3.63 33.60 -6.01
C GLY A 460 4.02 32.49 -5.07
N ALA A 461 3.81 31.23 -5.46
CA ALA A 461 4.19 30.12 -4.59
C ALA A 461 5.71 30.05 -4.48
N THR A 462 6.18 29.43 -3.39
CA THR A 462 7.60 29.21 -3.19
C THR A 462 7.98 27.73 -3.13
N GLU A 463 7.02 26.83 -3.01
CA GLU A 463 7.33 25.42 -2.79
CA GLU A 463 7.34 25.42 -2.79
C GLU A 463 8.05 24.81 -4.00
N LEU A 464 9.15 24.11 -3.73
CA LEU A 464 9.91 23.40 -4.74
C LEU A 464 9.48 21.94 -4.77
N THR A 465 9.75 21.28 -5.89
CA THR A 465 9.58 19.83 -5.96
C THR A 465 10.74 19.16 -5.24
N ASP A 466 10.43 18.14 -4.43
CA ASP A 466 11.46 17.35 -3.75
C ASP A 466 11.67 16.07 -4.57
N TYR A 467 12.86 15.93 -5.14
CA TYR A 467 13.20 14.81 -6.00
C TYR A 467 13.87 13.66 -5.25
N SER A 468 13.99 13.74 -3.92
CA SER A 468 14.67 12.71 -3.16
C SER A 468 13.73 11.62 -2.69
N ASN A 469 14.25 10.39 -2.63
CA ASN A 469 13.50 9.23 -2.12
C ASN A 469 12.16 9.04 -2.83
N VAL A 470 12.14 9.26 -4.14
CA VAL A 470 10.93 9.05 -4.93
C VAL A 470 10.77 7.55 -5.17
N ALA A 471 9.66 7.00 -4.71
CA ALA A 471 9.44 5.56 -4.83
C ALA A 471 9.15 5.15 -6.27
N THR A 472 9.46 3.90 -6.58
CA THR A 472 9.31 3.32 -7.90
C THR A 472 8.63 1.96 -7.78
N THR A 473 8.03 1.50 -8.88
CA THR A 473 7.65 0.10 -8.98
C THR A 473 7.89 -0.39 -10.40
N VAL A 474 8.56 -1.54 -10.49
CA VAL A 474 8.78 -2.25 -11.73
C VAL A 474 7.68 -3.30 -11.85
N PHE A 475 6.86 -3.18 -12.90
CA PHE A 475 5.69 -4.03 -13.05
C PHE A 475 5.99 -5.29 -13.86
N THR A 476 7.03 -6.01 -13.39
CA THR A 476 7.35 -7.33 -13.88
C THR A 476 6.32 -8.34 -13.34
N PRO A 477 6.32 -9.58 -13.85
CA PRO A 477 5.27 -10.53 -13.45
C PRO A 477 5.14 -10.67 -11.95
N LEU A 478 6.25 -10.75 -11.22
CA LEU A 478 6.26 -10.47 -9.79
C LEU A 478 6.83 -9.06 -9.64
N GLU A 479 6.04 -8.17 -9.06
CA GLU A 479 6.35 -6.74 -9.06
C GLU A 479 7.42 -6.39 -8.04
N TYR A 480 8.18 -5.32 -8.32
CA TYR A 480 9.26 -4.89 -7.44
C TYR A 480 9.09 -3.41 -7.09
N GLY A 481 8.80 -3.13 -5.82
CA GLY A 481 8.67 -1.76 -5.33
C GLY A 481 9.88 -1.35 -4.52
N ALA A 482 10.27 -0.09 -4.63
CA ALA A 482 11.45 0.39 -3.90
C ALA A 482 11.27 1.86 -3.55
N CYS A 483 11.86 2.25 -2.42
CA CYS A 483 11.92 3.65 -2.06
C CYS A 483 13.25 3.90 -1.35
N GLY A 484 14.09 4.74 -1.91
CA GLY A 484 15.36 5.06 -1.29
C GLY A 484 16.52 4.32 -1.91
N LEU A 485 17.58 4.17 -1.13
CA LEU A 485 18.84 3.60 -1.61
C LEU A 485 18.79 2.10 -1.78
N SER A 486 19.47 1.62 -2.82
CA SER A 486 19.83 0.22 -2.88
C SER A 486 20.80 -0.10 -1.75
N GLU A 487 20.86 -1.39 -1.42
CA GLU A 487 21.79 -1.84 -0.38
C GLU A 487 23.23 -1.49 -0.75
N GLU A 488 23.62 -1.73 -2.01
CA GLU A 488 25.00 -1.45 -2.41
C GLU A 488 25.31 0.05 -2.39
N ASP A 489 24.33 0.90 -2.72
CA ASP A 489 24.58 2.34 -2.65
C ASP A 489 24.71 2.82 -1.21
N ALA A 490 23.90 2.24 -0.31
CA ALA A 490 23.99 2.59 1.10
C ALA A 490 25.35 2.20 1.68
N ILE A 491 25.83 1.00 1.35
CA ILE A 491 27.13 0.54 1.81
C ILE A 491 28.24 1.42 1.26
N GLU A 492 28.15 1.79 -0.02
CA GLU A 492 29.14 2.68 -0.61
C GLU A 492 29.19 4.02 0.12
N LYS A 493 28.03 4.59 0.42
CA LYS A 493 27.98 5.92 1.01
C LYS A 493 28.43 5.93 2.46
N TYR A 494 28.03 4.94 3.24
CA TYR A 494 28.20 4.99 4.69
C TYR A 494 29.17 3.96 5.23
N GLY A 495 29.55 2.97 4.44
CA GLY A 495 30.41 1.90 4.92
C GLY A 495 29.63 0.71 5.44
N ASP A 496 30.13 -0.49 5.20
CA ASP A 496 29.42 -1.71 5.60
C ASP A 496 29.14 -1.74 7.09
N LYS A 497 30.08 -1.27 7.91
CA LYS A 497 29.90 -1.36 9.36
C LYS A 497 28.75 -0.49 9.86
N ASP A 498 28.35 0.53 9.10
CA ASP A 498 27.27 1.42 9.50
C ASP A 498 25.93 1.06 8.88
N ILE A 499 25.84 -0.05 8.16
CA ILE A 499 24.60 -0.47 7.52
C ILE A 499 24.10 -1.74 8.17
N GLU A 500 22.83 -1.77 8.55
CA GLU A 500 22.15 -2.98 9.00
C GLU A 500 20.99 -3.23 8.05
N VAL A 501 20.85 -4.48 7.60
CA VAL A 501 19.79 -4.85 6.67
C VAL A 501 18.90 -5.87 7.35
N TYR A 502 17.61 -5.53 7.49
CA TYR A 502 16.61 -6.45 8.01
C TYR A 502 15.84 -7.01 6.84
N HIS A 503 15.59 -8.32 6.83
CA HIS A 503 14.98 -8.91 5.66
C HIS A 503 14.13 -10.13 6.01
N SER A 504 13.24 -10.49 5.09
CA SER A 504 12.44 -11.69 5.25
C SER A 504 11.85 -12.09 3.91
N ASN A 505 11.73 -13.40 3.70
CA ASN A 505 10.80 -13.89 2.70
CA ASN A 505 10.80 -13.89 2.70
C ASN A 505 9.38 -13.81 3.23
N PHE A 506 8.42 -13.93 2.33
CA PHE A 506 7.03 -14.01 2.74
C PHE A 506 6.27 -14.76 1.67
N LYS A 507 5.06 -15.20 2.02
CA LYS A 507 4.18 -15.88 1.07
C LYS A 507 2.82 -15.20 1.17
N PRO A 508 2.30 -14.64 0.07
CA PRO A 508 0.93 -14.10 0.12
C PRO A 508 -0.04 -15.19 0.51
N LEU A 509 -1.00 -14.84 1.38
CA LEU A 509 -2.00 -15.83 1.77
C LEU A 509 -2.73 -16.38 0.55
N GLU A 510 -2.94 -15.54 -0.46
CA GLU A 510 -3.62 -15.97 -1.67
C GLU A 510 -2.86 -17.05 -2.42
N TRP A 511 -1.56 -17.21 -2.15
CA TRP A 511 -0.74 -18.20 -2.82
C TRP A 511 -0.77 -19.57 -2.15
N THR A 512 -1.39 -19.67 -0.97
CA THR A 512 -1.35 -20.93 -0.22
C THR A 512 -2.26 -21.97 -0.88
N VAL A 513 -3.56 -21.69 -0.93
CA VAL A 513 -4.51 -22.59 -1.57
C VAL A 513 -4.17 -22.76 -3.05
N ALA A 514 -3.57 -21.75 -3.67
CA ALA A 514 -3.16 -21.78 -5.07
C ALA A 514 -1.89 -22.58 -5.32
N HIS A 515 -1.23 -23.08 -4.27
CA HIS A 515 -0.01 -23.88 -4.43
C HIS A 515 1.11 -23.15 -5.17
N ARG A 516 1.30 -21.86 -4.87
CA ARG A 516 2.39 -21.11 -5.47
CA ARG A 516 2.38 -21.08 -5.45
C ARG A 516 3.60 -21.11 -4.52
N GLU A 517 4.65 -20.38 -4.89
CA GLU A 517 5.96 -20.54 -4.27
C GLU A 517 6.04 -20.06 -2.81
N ASP A 518 6.82 -20.80 -1.99
CA ASP A 518 6.91 -20.53 -0.56
CA ASP A 518 6.91 -20.53 -0.56
C ASP A 518 7.81 -19.34 -0.24
N ASN A 519 8.94 -19.21 -0.93
CA ASN A 519 9.99 -18.30 -0.49
C ASN A 519 10.56 -17.51 -1.66
N VAL A 520 9.69 -17.01 -2.51
CA VAL A 520 10.10 -16.14 -3.61
CA VAL A 520 10.12 -16.15 -3.60
C VAL A 520 9.88 -14.67 -3.27
N CYS A 521 8.72 -14.34 -2.69
CA CYS A 521 8.50 -12.96 -2.30
C CYS A 521 9.48 -12.59 -1.19
N TYR A 522 9.89 -11.32 -1.19
CA TYR A 522 11.01 -10.93 -0.36
C TYR A 522 10.93 -9.43 -0.09
N MET A 523 11.33 -9.05 1.12
CA MET A 523 11.45 -7.63 1.45
C MET A 523 12.66 -7.38 2.34
N LYS A 524 13.15 -6.15 2.27
CA LYS A 524 14.25 -5.74 3.15
C LYS A 524 14.15 -4.24 3.43
N LEU A 525 14.72 -3.87 4.58
CA LEU A 525 14.93 -2.49 4.99
C LEU A 525 16.43 -2.30 5.18
N VAL A 526 17.00 -1.35 4.46
CA VAL A 526 18.41 -1.01 4.55
C VAL A 526 18.50 0.21 5.45
N CYS A 527 19.23 0.08 6.57
CA CYS A 527 19.17 1.08 7.64
C CYS A 527 20.57 1.55 8.04
N ARG A 528 20.64 2.77 8.55
CA ARG A 528 21.90 3.37 9.00
C ARG A 528 21.99 3.29 10.53
N LYS A 529 22.95 2.50 11.02
CA LYS A 529 23.05 2.23 12.45
C LYS A 529 23.31 3.50 13.26
N SER A 530 24.26 4.32 12.83
CA SER A 530 24.64 5.50 13.62
C SER A 530 23.62 6.61 13.59
N ASP A 531 22.56 6.50 12.77
CA ASP A 531 21.51 7.51 12.75
C ASP A 531 20.20 6.90 13.22
N ASN A 532 20.19 6.30 14.42
CA ASN A 532 18.96 5.76 15.03
CA ASN A 532 18.96 5.78 15.01
C ASN A 532 18.30 4.70 14.15
N MET A 533 19.10 3.97 13.38
CA MET A 533 18.64 2.90 12.49
C MET A 533 17.64 3.50 11.46
N ARG A 534 18.00 4.67 10.93
CA ARG A 534 17.20 5.35 9.91
C ARG A 534 17.01 4.44 8.70
N VAL A 535 15.79 4.40 8.17
CA VAL A 535 15.54 3.61 6.97
C VAL A 535 16.06 4.39 5.77
N LEU A 536 17.11 3.85 5.13
CA LEU A 536 17.68 4.45 3.93
C LEU A 536 17.04 3.92 2.67
N GLY A 537 16.57 2.68 2.69
CA GLY A 537 15.95 2.07 1.52
C GLY A 537 15.00 0.97 1.91
N LEU A 538 13.87 0.91 1.21
CA LEU A 538 12.85 -0.12 1.37
C LEU A 538 12.69 -0.82 0.03
N HIS A 539 12.59 -2.15 0.07
CA HIS A 539 12.55 -2.97 -1.16
C HIS A 539 11.57 -4.10 -0.92
N VAL A 540 10.68 -4.33 -1.89
CA VAL A 540 9.71 -5.41 -1.78
C VAL A 540 9.46 -6.04 -3.15
N LEU A 541 9.56 -7.37 -3.19
CA LEU A 541 9.21 -8.18 -4.36
C LEU A 541 7.97 -8.99 -3.98
N GLY A 542 6.86 -8.72 -4.66
CA GLY A 542 5.62 -9.41 -4.35
C GLY A 542 4.45 -8.83 -5.12
N PRO A 543 3.27 -9.43 -4.96
CA PRO A 543 2.08 -8.88 -5.64
C PRO A 543 1.73 -7.50 -5.12
N ASN A 544 1.21 -6.65 -6.02
CA ASN A 544 0.72 -5.33 -5.64
C ASN A 544 1.81 -4.49 -4.97
N ALA A 545 3.05 -4.61 -5.48
CA ALA A 545 4.19 -3.98 -4.80
C ALA A 545 4.10 -2.46 -4.82
N GLY A 546 3.46 -1.86 -5.83
CA GLY A 546 3.29 -0.40 -5.80
C GLY A 546 2.31 0.04 -4.74
N GLU A 547 1.23 -0.72 -4.55
CA GLU A 547 0.30 -0.41 -3.47
C GLU A 547 0.98 -0.59 -2.12
N ILE A 548 1.82 -1.62 -1.99
CA ILE A 548 2.53 -1.82 -0.71
C ILE A 548 3.45 -0.63 -0.45
N THR A 549 4.24 -0.25 -1.46
CA THR A 549 5.34 0.68 -1.24
C THR A 549 4.85 2.09 -0.96
N GLN A 550 3.78 2.52 -1.62
CA GLN A 550 3.45 3.94 -1.67
C GLN A 550 3.37 4.59 -0.28
N GLY A 551 2.64 3.98 0.65
CA GLY A 551 2.44 4.65 1.93
C GLY A 551 3.73 4.77 2.73
N TYR A 552 4.61 3.78 2.61
CA TYR A 552 5.90 3.86 3.27
C TYR A 552 6.73 5.01 2.76
N ALA A 553 6.52 5.43 1.50
CA ALA A 553 7.28 6.56 0.97
C ALA A 553 7.02 7.83 1.78
N VAL A 554 5.80 7.98 2.33
CA VAL A 554 5.52 9.13 3.20
C VAL A 554 6.35 9.01 4.48
N ALA A 555 6.36 7.83 5.09
CA ALA A 555 7.13 7.63 6.32
C ALA A 555 8.62 7.86 6.09
N ILE A 556 9.17 7.36 4.96
CA ILE A 556 10.58 7.58 4.65
C ILE A 556 10.87 9.05 4.43
N LYS A 557 9.96 9.75 3.72
CA LYS A 557 10.10 11.20 3.57
C LYS A 557 10.22 11.88 4.92
N MET A 558 9.46 11.41 5.90
CA MET A 558 9.50 11.95 7.24
C MET A 558 10.66 11.45 8.10
N GLY A 559 11.54 10.63 7.57
CA GLY A 559 12.69 10.18 8.35
C GLY A 559 12.43 8.96 9.20
N ALA A 560 11.58 8.04 8.74
CA ALA A 560 11.28 6.84 9.51
C ALA A 560 12.53 6.09 9.90
N THR A 561 12.52 5.56 11.12
CA THR A 561 13.54 4.63 11.60
C THR A 561 12.95 3.24 11.71
N LYS A 562 13.84 2.26 11.95
CA LYS A 562 13.36 0.90 12.20
C LYS A 562 12.38 0.86 13.38
N ALA A 563 12.65 1.66 14.43
CA ALA A 563 11.73 1.69 15.57
C ALA A 563 10.35 2.17 15.17
N ASP A 564 10.26 3.07 14.18
CA ASP A 564 8.95 3.51 13.71
C ASP A 564 8.18 2.37 13.05
N PHE A 565 8.88 1.53 12.29
CA PHE A 565 8.24 0.35 11.70
C PHE A 565 7.82 -0.63 12.79
N ASP A 566 8.68 -0.81 13.80
CA ASP A 566 8.39 -1.78 14.85
C ASP A 566 7.17 -1.38 15.69
N ARG A 567 7.05 -0.08 16.02
CA ARG A 567 5.96 0.34 16.88
C ARG A 567 4.62 0.39 16.17
N THR A 568 4.63 0.43 14.83
CA THR A 568 3.41 0.38 14.04
C THR A 568 2.91 -1.05 13.96
N ILE A 569 1.61 -1.21 14.11
CA ILE A 569 1.02 -2.55 14.12
CA ILE A 569 0.96 -2.53 14.12
C ILE A 569 0.55 -2.94 12.71
N GLY A 570 0.75 -4.21 12.39
CA GLY A 570 0.36 -4.71 11.08
C GLY A 570 -1.14 -4.81 10.90
N ILE A 571 -1.55 -4.80 9.63
CA ILE A 571 -2.90 -5.17 9.21
C ILE A 571 -2.83 -6.61 8.72
N HIS A 572 -3.70 -7.47 9.26
CA HIS A 572 -3.65 -8.88 8.91
C HIS A 572 -4.96 -9.31 8.27
N PRO A 573 -4.93 -10.18 7.24
CA PRO A 573 -3.74 -10.73 6.56
C PRO A 573 -3.41 -9.88 5.36
N THR A 574 -2.18 -9.33 5.31
CA THR A 574 -1.69 -8.63 4.14
C THR A 574 -0.25 -9.04 3.88
N CYS A 575 0.23 -8.76 2.67
CA CYS A 575 1.67 -8.83 2.44
C CYS A 575 2.40 -7.69 3.14
N SER A 576 1.85 -6.48 3.08
CA SER A 576 2.58 -5.32 3.58
C SER A 576 2.92 -5.44 5.07
N GLU A 577 2.12 -6.15 5.86
CA GLU A 577 2.36 -6.17 7.29
C GLU A 577 3.70 -6.79 7.65
N THR A 578 4.30 -7.58 6.76
N THR A 578 4.31 -7.57 6.75
CA THR A 578 5.60 -8.17 7.09
CA THR A 578 5.61 -8.15 7.11
C THR A 578 6.71 -7.13 7.27
C THR A 578 6.66 -7.08 7.38
N PHE A 579 6.51 -5.88 6.81
CA PHE A 579 7.43 -4.80 7.14
C PHE A 579 7.38 -4.40 8.61
N THR A 580 6.30 -4.70 9.32
CA THR A 580 6.14 -4.24 10.70
C THR A 580 6.76 -5.17 11.73
N THR A 581 7.23 -6.35 11.32
CA THR A 581 7.77 -7.34 12.24
C THR A 581 9.14 -7.87 11.82
N LEU A 582 9.85 -7.17 10.94
CA LEU A 582 11.14 -7.66 10.47
C LEU A 582 12.14 -7.75 11.62
N HIS A 583 12.92 -8.83 11.64
CA HIS A 583 13.86 -8.99 12.75
C HIS A 583 15.17 -9.65 12.36
N VAL A 584 15.18 -10.43 11.28
CA VAL A 584 16.40 -11.09 10.85
C VAL A 584 17.33 -10.10 10.17
N THR A 585 18.55 -9.96 10.67
CA THR A 585 19.55 -9.14 10.00
C THR A 585 20.42 -9.97 9.06
N LYS A 586 20.90 -9.34 8.00
CA LYS A 586 21.86 -10.01 7.13
C LYS A 586 23.13 -10.36 7.89
N LYS A 587 23.61 -9.45 8.76
CA LYS A 587 24.81 -9.74 9.54
C LYS A 587 24.69 -11.02 10.37
N SER A 588 23.50 -11.29 10.91
CA SER A 588 23.35 -12.48 11.74
C SER A 588 23.56 -13.77 10.95
N GLY A 589 23.42 -13.72 9.63
CA GLY A 589 23.48 -14.92 8.82
C GLY A 589 22.31 -15.86 8.97
N VAL A 590 21.29 -15.49 9.76
CA VAL A 590 20.11 -16.34 9.93
C VAL A 590 19.28 -16.29 8.66
N SER A 591 18.69 -17.43 8.31
CA SER A 591 17.96 -17.52 7.05
C SER A 591 16.71 -16.64 7.08
N PRO A 592 16.39 -15.97 5.96
CA PRO A 592 15.16 -15.17 5.90
C PRO A 592 13.92 -15.98 5.54
N ILE A 593 14.02 -17.30 5.38
CA ILE A 593 12.86 -18.06 4.93
C ILE A 593 11.82 -18.12 6.05
N VAL A 594 10.56 -18.25 5.66
CA VAL A 594 9.47 -18.40 6.62
C VAL A 594 8.74 -19.70 6.41
N GLY B 7 15.29 5.71 37.59
CA GLY B 7 14.62 4.51 38.04
C GLY B 7 15.38 3.25 37.73
N THR B 8 16.72 3.37 37.67
CA THR B 8 17.55 2.22 37.33
C THR B 8 17.47 1.14 38.39
N SER B 9 17.54 1.52 39.67
CA SER B 9 17.47 0.55 40.75
C SER B 9 16.16 -0.23 40.70
N GLN B 10 15.05 0.47 40.53
CA GLN B 10 13.74 -0.18 40.47
C GLN B 10 13.65 -1.11 39.26
N TRP B 11 14.22 -0.70 38.13
CA TRP B 11 14.18 -1.55 36.93
C TRP B 11 15.00 -2.82 37.13
N LEU B 12 16.23 -2.69 37.65
CA LEU B 12 17.08 -3.87 37.86
C LEU B 12 16.43 -4.84 38.83
N ARG B 13 15.86 -4.32 39.92
CA ARG B 13 15.19 -5.18 40.90
C ARG B 13 14.04 -5.96 40.24
N LYS B 14 13.23 -5.29 39.42
CA LYS B 14 12.13 -5.96 38.74
C LYS B 14 12.64 -6.97 37.73
N THR B 15 13.72 -6.62 37.01
CA THR B 15 14.26 -7.50 35.98
C THR B 15 14.84 -8.77 36.57
N VAL B 16 15.63 -8.63 37.64
CA VAL B 16 16.23 -9.81 38.28
C VAL B 16 15.14 -10.67 38.91
N ASP B 17 14.11 -10.05 39.47
CA ASP B 17 13.06 -10.80 40.16
C ASP B 17 12.21 -11.62 39.20
N SER B 18 12.04 -11.16 37.96
CA SER B 18 11.12 -11.81 37.04
CA SER B 18 11.13 -11.78 37.02
C SER B 18 11.80 -12.71 36.01
N ALA B 19 13.06 -12.44 35.66
CA ALA B 19 13.72 -13.24 34.64
C ALA B 19 13.96 -14.67 35.10
N ALA B 20 13.81 -15.61 34.16
CA ALA B 20 14.11 -17.01 34.45
C ALA B 20 15.62 -17.25 34.49
N VAL B 21 16.32 -16.90 33.42
CA VAL B 21 17.78 -17.00 33.35
C VAL B 21 18.27 -15.77 32.59
N ILE B 22 19.18 -15.01 33.18
CA ILE B 22 19.63 -13.76 32.57
C ILE B 22 21.12 -13.55 32.82
N LEU B 23 21.82 -13.09 31.79
CA LEU B 23 23.25 -12.82 31.83
C LEU B 23 23.51 -11.35 31.55
N PHE B 24 24.28 -10.71 32.43
CA PHE B 24 24.69 -9.33 32.23
C PHE B 24 26.11 -9.35 31.65
N SER B 25 26.29 -8.74 30.48
CA SER B 25 27.48 -8.95 29.67
C SER B 25 27.87 -7.65 28.96
N LYS B 26 28.96 -7.72 28.20
CA LYS B 26 29.40 -6.65 27.31
C LYS B 26 29.84 -7.28 26.00
N THR B 27 29.48 -6.65 24.88
CA THR B 27 29.91 -7.16 23.58
C THR B 27 31.42 -7.18 23.45
N THR B 28 32.12 -6.36 24.23
CA THR B 28 33.58 -6.31 24.22
C THR B 28 34.13 -7.01 25.46
N CYS B 29 33.99 -8.33 25.47
CA CYS B 29 34.52 -9.13 26.56
C CYS B 29 34.63 -10.59 26.13
N PRO B 30 35.85 -11.12 25.98
CA PRO B 30 36.00 -12.54 25.62
C PRO B 30 35.66 -13.48 26.75
N TYR B 31 35.55 -12.99 27.99
CA TYR B 31 35.08 -13.82 29.08
C TYR B 31 33.59 -14.08 28.95
N CYS B 32 32.83 -13.03 28.61
CA CYS B 32 31.41 -13.20 28.34
C CYS B 32 31.20 -14.15 27.18
N LYS B 33 32.03 -14.04 26.14
CA LYS B 33 31.97 -14.96 25.01
C LYS B 33 32.09 -16.41 25.48
N LYS B 34 33.02 -16.67 26.39
CA LYS B 34 33.17 -18.03 26.93
C LYS B 34 31.93 -18.46 27.70
N VAL B 35 31.36 -17.57 28.51
CA VAL B 35 30.15 -17.94 29.25
C VAL B 35 28.98 -18.17 28.30
N LYS B 36 28.83 -17.31 27.29
CA LYS B 36 27.80 -17.54 26.28
C LYS B 36 27.99 -18.89 25.60
N ASP B 37 29.24 -19.21 25.24
CA ASP B 37 29.52 -20.50 24.59
C ASP B 37 29.17 -21.67 25.50
N VAL B 38 29.53 -21.59 26.77
CA VAL B 38 29.23 -22.66 27.71
C VAL B 38 27.71 -22.86 27.82
N LEU B 39 26.98 -21.77 27.98
CA LEU B 39 25.52 -21.87 28.10
C LEU B 39 24.92 -22.41 26.80
N ALA B 40 25.43 -21.99 25.66
CA ALA B 40 24.94 -22.50 24.38
C ALA B 40 25.23 -24.01 24.25
N GLU B 41 26.45 -24.41 24.57
CA GLU B 41 26.79 -25.84 24.54
C GLU B 41 25.92 -26.63 25.51
N ALA B 42 25.62 -26.05 26.68
CA ALA B 42 24.78 -26.71 27.66
C ALA B 42 23.30 -26.67 27.30
N LYS B 43 22.94 -26.06 26.16
CA LYS B 43 21.55 -25.90 25.75
C LYS B 43 20.72 -25.10 26.75
N ILE B 44 21.36 -24.13 27.42
CA ILE B 44 20.69 -23.29 28.40
C ILE B 44 20.34 -21.96 27.73
N LYS B 45 19.04 -21.72 27.54
CA LYS B 45 18.58 -20.46 26.96
C LYS B 45 18.46 -19.40 28.05
N HIS B 46 18.67 -18.15 27.68
CA HIS B 46 18.72 -17.07 28.65
C HIS B 46 18.57 -15.73 27.96
N ALA B 47 18.14 -14.74 28.73
CA ALA B 47 18.23 -13.35 28.30
C ALA B 47 19.63 -12.83 28.52
N THR B 48 20.02 -11.83 27.73
CA THR B 48 21.31 -11.18 27.84
C THR B 48 21.11 -9.68 27.77
N ILE B 49 21.74 -8.95 28.68
CA ILE B 49 21.71 -7.50 28.70
C ILE B 49 23.14 -7.01 28.55
N GLU B 50 23.45 -6.44 27.38
CA GLU B 50 24.77 -5.93 27.07
C GLU B 50 24.86 -4.51 27.62
N LEU B 51 25.61 -4.33 28.71
CA LEU B 51 25.60 -3.06 29.40
C LEU B 51 26.29 -1.96 28.58
N ASP B 52 27.27 -2.32 27.76
CA ASP B 52 27.92 -1.33 26.91
C ASP B 52 26.98 -0.75 25.86
N GLN B 53 25.89 -1.46 25.52
CA GLN B 53 24.94 -0.98 24.53
C GLN B 53 23.87 -0.07 25.12
N LEU B 54 23.78 0.04 26.44
CA LEU B 54 22.79 0.89 27.09
C LEU B 54 23.44 2.17 27.59
N SER B 55 22.63 3.24 27.61
CA SER B 55 23.15 4.54 28.02
C SER B 55 23.46 4.57 29.52
N ASN B 56 22.61 3.92 30.34
CA ASN B 56 22.84 3.85 31.78
C ASN B 56 23.54 2.55 32.19
N GLY B 57 24.33 1.97 31.28
CA GLY B 57 25.00 0.72 31.60
C GLY B 57 25.93 0.83 32.80
N SER B 58 26.60 1.98 32.94
CA SER B 58 27.52 2.16 34.06
C SER B 58 26.78 2.11 35.40
N ALA B 59 25.61 2.74 35.48
CA ALA B 59 24.84 2.71 36.72
C ALA B 59 24.28 1.32 37.00
N ILE B 60 24.01 0.54 35.95
CA ILE B 60 23.54 -0.82 36.16
C ILE B 60 24.64 -1.69 36.74
N GLN B 61 25.86 -1.57 36.20
CA GLN B 61 27.00 -2.31 36.74
C GLN B 61 27.16 -2.06 38.22
N LYS B 62 27.08 -0.78 38.63
CA LYS B 62 27.18 -0.45 40.04
C LYS B 62 26.02 -1.03 40.84
N CYS B 63 24.82 -1.04 40.26
CA CYS B 63 23.66 -1.52 40.99
C CYS B 63 23.58 -3.05 41.00
N LEU B 64 24.28 -3.72 40.09
CA LEU B 64 24.35 -5.18 40.14
C LEU B 64 25.02 -5.65 41.42
N ALA B 65 26.01 -4.89 41.90
CA ALA B 65 26.74 -5.28 43.11
C ALA B 65 25.83 -5.39 44.33
N SER B 66 24.65 -4.77 44.29
CA SER B 66 23.69 -4.95 45.38
C SER B 66 23.18 -6.38 45.45
N PHE B 67 23.31 -7.14 44.37
CA PHE B 67 23.02 -8.57 44.38
C PHE B 67 24.27 -9.42 44.45
N SER B 68 25.32 -9.08 43.70
CA SER B 68 26.46 -9.98 43.49
C SER B 68 27.73 -9.53 44.17
N LYS B 69 27.77 -8.33 44.74
CA LYS B 69 28.96 -7.76 45.36
C LYS B 69 30.11 -7.61 44.36
N ILE B 70 29.83 -7.70 43.06
CA ILE B 70 30.80 -7.42 42.03
C ILE B 70 30.22 -6.45 41.01
N GLU B 71 31.11 -5.77 40.30
CA GLU B 71 30.75 -4.75 39.33
C GLU B 71 31.30 -5.07 37.95
N THR B 72 31.79 -6.29 37.73
CA THR B 72 32.33 -6.71 36.45
C THR B 72 31.33 -7.58 35.72
N VAL B 73 31.59 -7.78 34.43
CA VAL B 73 30.82 -8.69 33.59
C VAL B 73 31.70 -9.88 33.22
N PRO B 74 31.13 -11.08 33.05
CA PRO B 74 29.71 -11.42 33.10
C PRO B 74 29.15 -11.71 34.50
N GLN B 75 27.83 -11.60 34.65
CA GLN B 75 27.13 -11.99 35.86
C GLN B 75 25.86 -12.73 35.45
N MET B 76 25.63 -13.89 36.06
CA MET B 76 24.51 -14.74 35.67
CA MET B 76 24.52 -14.76 35.68
C MET B 76 23.53 -14.91 36.83
N PHE B 77 22.24 -14.84 36.51
CA PHE B 77 21.17 -14.94 37.49
CA PHE B 77 21.17 -14.93 37.48
C PHE B 77 20.16 -15.98 37.05
N VAL B 78 19.58 -16.68 38.02
CA VAL B 78 18.51 -17.66 37.77
C VAL B 78 17.37 -17.38 38.74
N ARG B 79 16.20 -17.01 38.20
CA ARG B 79 14.97 -16.87 38.99
C ARG B 79 15.18 -16.03 40.25
N GLY B 80 15.91 -14.93 40.09
CA GLY B 80 16.13 -13.99 41.17
C GLY B 80 17.44 -14.14 41.92
N LYS B 81 18.20 -15.20 41.67
CA LYS B 81 19.40 -15.52 42.45
C LYS B 81 20.65 -15.29 41.61
N PHE B 82 21.64 -14.62 42.19
CA PHE B 82 22.95 -14.52 41.54
C PHE B 82 23.63 -15.88 41.57
N ILE B 83 24.10 -16.34 40.41
CA ILE B 83 24.73 -17.65 40.29
C ILE B 83 26.26 -17.57 40.29
N GLY B 84 26.84 -16.66 39.52
CA GLY B 84 28.28 -16.50 39.59
C GLY B 84 28.86 -15.75 38.40
N ASP B 85 30.19 -15.62 38.44
CA ASP B 85 30.95 -14.93 37.41
C ASP B 85 31.47 -15.94 36.39
N SER B 86 32.54 -15.60 35.67
CA SER B 86 33.07 -16.50 34.65
C SER B 86 33.60 -17.79 35.26
N GLN B 87 34.51 -17.67 36.24
CA GLN B 87 35.10 -18.87 36.84
C GLN B 87 34.05 -19.73 37.54
N THR B 88 33.05 -19.10 38.16
CA THR B 88 32.06 -19.85 38.94
C THR B 88 31.11 -20.63 38.04
N VAL B 89 30.60 -19.99 36.99
CA VAL B 89 29.72 -20.70 36.07
C VAL B 89 30.45 -21.87 35.44
N LEU B 90 31.73 -21.69 35.14
CA LEU B 90 32.52 -22.80 34.61
C LEU B 90 32.75 -23.88 35.68
N LYS B 91 32.84 -23.49 36.96
CA LYS B 91 32.96 -24.51 38.02
C LYS B 91 31.72 -25.38 38.06
N TYR B 92 30.54 -24.76 38.06
CA TYR B 92 29.30 -25.54 38.03
C TYR B 92 29.25 -26.41 36.79
N TYR B 93 29.61 -25.86 35.63
CA TYR B 93 29.59 -26.63 34.39
C TYR B 93 30.56 -27.81 34.46
N SER B 94 31.78 -27.58 34.96
CA SER B 94 32.74 -28.66 35.09
C SER B 94 32.28 -29.75 36.04
N ASN B 95 31.55 -29.37 37.10
CA ASN B 95 31.11 -30.32 38.11
C ASN B 95 29.74 -30.92 37.82
N ASP B 96 29.17 -30.67 36.64
CA ASP B 96 27.83 -31.14 36.29
C ASP B 96 26.77 -30.66 37.26
N GLU B 97 26.97 -29.46 37.81
CA GLU B 97 26.02 -28.86 38.74
C GLU B 97 25.12 -27.83 38.07
N LEU B 98 25.51 -27.35 36.88
CA LEU B 98 24.85 -26.20 36.28
C LEU B 98 23.41 -26.51 35.86
N ALA B 99 23.17 -27.70 35.30
CA ALA B 99 21.83 -28.04 34.85
C ALA B 99 20.84 -28.06 36.01
N GLY B 100 21.24 -28.64 37.14
CA GLY B 100 20.37 -28.62 38.31
C GLY B 100 20.07 -27.22 38.79
N ILE B 101 21.07 -26.34 38.76
CA ILE B 101 20.91 -24.98 39.25
C ILE B 101 19.91 -24.22 38.37
N VAL B 102 20.07 -24.31 37.05
CA VAL B 102 19.21 -23.53 36.16
C VAL B 102 17.79 -24.07 36.09
N ASN B 103 17.57 -25.30 36.52
CA ASN B 103 16.23 -25.89 36.50
C ASN B 103 15.51 -25.78 37.83
N GLU B 104 16.19 -25.34 38.88
CA GLU B 104 15.55 -25.19 40.18
C GLU B 104 14.49 -24.10 40.12
N SER B 105 13.28 -24.42 40.57
CA SER B 105 12.20 -23.45 40.53
C SER B 105 11.13 -23.82 41.55
N LYS B 106 10.53 -22.80 42.16
CA LYS B 106 9.44 -23.00 43.11
C LYS B 106 8.18 -23.51 42.43
N TYR B 107 8.02 -23.25 41.14
CA TYR B 107 6.81 -23.60 40.41
C TYR B 107 7.14 -24.59 39.30
N ASP B 108 6.11 -25.25 38.78
CA ASP B 108 6.31 -26.14 37.64
C ASP B 108 6.81 -25.38 36.44
N TYR B 109 6.27 -24.18 36.20
CA TYR B 109 6.59 -23.38 35.03
C TYR B 109 6.88 -21.94 35.45
N ASP B 110 7.78 -21.29 34.70
CA ASP B 110 7.92 -19.84 34.83
C ASP B 110 6.72 -19.12 34.26
N LEU B 111 6.10 -19.67 33.22
CA LEU B 111 4.97 -19.05 32.54
C LEU B 111 3.97 -20.13 32.17
N ILE B 112 2.71 -19.92 32.54
CA ILE B 112 1.60 -20.69 31.98
C ILE B 112 0.74 -19.74 31.17
N VAL B 113 0.56 -20.06 29.89
CA VAL B 113 -0.32 -19.34 28.99
C VAL B 113 -1.62 -20.12 28.88
N ILE B 114 -2.74 -19.53 29.25
CA ILE B 114 -4.04 -20.15 29.08
C ILE B 114 -4.63 -19.60 27.78
N GLY B 115 -4.61 -20.43 26.75
CA GLY B 115 -5.10 -20.05 25.42
C GLY B 115 -4.00 -20.11 24.38
N GLY B 116 -4.19 -20.94 23.36
CA GLY B 116 -3.22 -21.14 22.30
C GLY B 116 -3.65 -20.52 20.98
N GLY B 117 -4.03 -19.24 21.03
CA GLY B 117 -4.37 -18.48 19.84
C GLY B 117 -3.30 -17.48 19.47
N SER B 118 -3.71 -16.40 18.80
CA SER B 118 -2.75 -15.44 18.27
CA SER B 118 -2.76 -15.44 18.28
C SER B 118 -1.85 -14.89 19.38
N GLY B 119 -2.45 -14.38 20.45
CA GLY B 119 -1.65 -13.79 21.51
C GLY B 119 -0.88 -14.82 22.31
N GLY B 120 -1.56 -15.91 22.69
CA GLY B 120 -0.94 -16.87 23.59
C GLY B 120 0.25 -17.60 22.98
N LEU B 121 0.14 -17.99 21.71
CA LEU B 121 1.26 -18.65 21.06
C LEU B 121 2.43 -17.69 20.90
N ALA B 122 2.14 -16.42 20.56
CA ALA B 122 3.21 -15.44 20.43
C ALA B 122 3.92 -15.23 21.76
N ALA B 123 3.15 -15.11 22.85
CA ALA B 123 3.76 -14.90 24.16
C ALA B 123 4.58 -16.11 24.59
N GLY B 124 4.03 -17.31 24.40
CA GLY B 124 4.72 -18.51 24.87
C GLY B 124 6.03 -18.76 24.13
N LYS B 125 6.00 -18.63 22.80
CA LYS B 125 7.22 -18.80 22.03
C LYS B 125 8.27 -17.76 22.40
N GLU B 126 7.86 -16.51 22.57
CA GLU B 126 8.82 -15.47 22.90
C GLU B 126 9.44 -15.70 24.28
N ALA B 127 8.62 -16.05 25.27
CA ALA B 127 9.14 -16.28 26.61
C ALA B 127 10.17 -17.41 26.63
N ALA B 128 9.91 -18.49 25.89
CA ALA B 128 10.81 -19.63 25.88
C ALA B 128 12.18 -19.26 25.34
N LYS B 129 12.26 -18.26 24.46
CA LYS B 129 13.55 -17.83 23.92
C LYS B 129 14.50 -17.38 25.01
N TYR B 130 13.97 -16.88 26.14
CA TYR B 130 14.79 -16.37 27.23
C TYR B 130 14.93 -17.35 28.37
N GLY B 131 14.61 -18.62 28.14
CA GLY B 131 14.80 -19.63 29.14
C GLY B 131 13.65 -19.80 30.10
N ALA B 132 12.52 -19.13 29.85
CA ALA B 132 11.36 -19.34 30.70
C ALA B 132 10.76 -20.71 30.40
N LYS B 133 10.66 -21.56 31.42
CA LYS B 133 9.98 -22.83 31.27
C LYS B 133 8.49 -22.54 31.11
N THR B 134 7.94 -22.89 29.94
CA THR B 134 6.65 -22.37 29.52
C THR B 134 5.71 -23.51 29.16
N ALA B 135 4.45 -23.38 29.58
CA ALA B 135 3.37 -24.23 29.14
C ALA B 135 2.32 -23.38 28.41
N VAL B 136 1.82 -23.89 27.29
CA VAL B 136 0.70 -23.29 26.58
C VAL B 136 -0.43 -24.30 26.62
N LEU B 137 -1.56 -23.88 27.17
CA LEU B 137 -2.78 -24.69 27.23
C LEU B 137 -3.73 -24.20 26.15
N ASP B 138 -4.27 -25.12 25.37
CA ASP B 138 -5.31 -24.76 24.42
C ASP B 138 -6.36 -25.84 24.34
N TYR B 139 -7.62 -25.43 24.39
CA TYR B 139 -8.75 -26.32 24.24
C TYR B 139 -9.82 -25.56 23.48
N VAL B 140 -10.47 -26.24 22.54
CA VAL B 140 -11.50 -25.65 21.69
C VAL B 140 -12.83 -26.29 22.06
N GLU B 141 -13.65 -25.59 22.83
CA GLU B 141 -14.98 -26.10 23.14
CA GLU B 141 -14.98 -26.11 23.13
C GLU B 141 -15.80 -26.17 21.87
N PRO B 142 -16.42 -27.31 21.54
CA PRO B 142 -17.14 -27.42 20.27
C PRO B 142 -18.32 -26.45 20.21
N THR B 143 -18.68 -26.06 18.98
CA THR B 143 -19.88 -25.27 18.76
C THR B 143 -21.11 -26.12 19.05
N PRO B 144 -22.29 -25.51 19.09
CA PRO B 144 -23.51 -26.31 19.36
C PRO B 144 -23.71 -27.49 18.41
N ILE B 145 -23.36 -27.35 17.13
CA ILE B 145 -23.49 -28.48 16.19
C ILE B 145 -22.30 -29.43 16.25
N GLY B 146 -21.28 -29.12 17.05
CA GLY B 146 -20.17 -30.02 17.26
C GLY B 146 -18.88 -29.66 16.56
N THR B 147 -18.80 -28.51 15.90
CA THR B 147 -17.59 -28.15 15.18
C THR B 147 -16.45 -27.87 16.15
N THR B 148 -15.27 -28.40 15.82
CA THR B 148 -14.05 -28.19 16.58
CA THR B 148 -14.05 -28.12 16.57
C THR B 148 -12.90 -28.03 15.59
N TRP B 149 -11.72 -27.65 16.11
CA TRP B 149 -10.57 -27.41 15.24
C TRP B 149 -9.31 -27.46 16.10
N GLY B 150 -8.16 -27.28 15.44
CA GLY B 150 -6.87 -27.49 16.06
C GLY B 150 -6.22 -26.23 16.60
N LEU B 151 -4.93 -26.35 16.92
CA LEU B 151 -4.19 -25.31 17.60
C LEU B 151 -4.03 -24.06 16.73
N GLY B 152 -4.06 -22.89 17.37
CA GLY B 152 -3.81 -21.66 16.64
C GLY B 152 -4.81 -20.55 16.89
N GLY B 153 -5.98 -20.87 17.44
CA GLY B 153 -6.93 -19.84 17.82
C GLY B 153 -7.91 -19.46 16.73
N THR B 154 -8.57 -18.33 16.98
CA THR B 154 -9.66 -17.89 16.13
C THR B 154 -9.18 -17.51 14.74
N CYS B 155 -8.14 -16.70 14.66
CA CYS B 155 -7.72 -16.20 13.35
CA CYS B 155 -7.72 -16.20 13.35
CA CYS B 155 -7.74 -16.20 13.35
C CYS B 155 -7.33 -17.35 12.43
N VAL B 156 -6.54 -18.29 12.94
CA VAL B 156 -6.03 -19.40 12.15
C VAL B 156 -7.17 -20.28 11.66
N ASN B 157 -8.11 -20.61 12.55
CA ASN B 157 -9.06 -21.67 12.29
C ASN B 157 -10.42 -21.18 11.80
N VAL B 158 -10.90 -20.07 12.35
CA VAL B 158 -12.28 -19.65 12.14
C VAL B 158 -12.37 -18.13 12.01
N GLY B 159 -11.32 -17.51 11.49
CA GLY B 159 -11.26 -16.06 11.46
C GLY B 159 -10.52 -15.55 10.25
N CYS B 160 -9.49 -14.71 10.47
CA CYS B 160 -8.85 -13.98 9.39
C CYS B 160 -8.39 -14.89 8.26
N ILE B 161 -7.81 -16.05 8.59
CA ILE B 161 -7.20 -16.89 7.56
C ILE B 161 -8.27 -17.50 6.64
N PRO B 162 -9.23 -18.29 7.14
CA PRO B 162 -10.23 -18.82 6.19
C PRO B 162 -11.09 -17.73 5.58
N LYS B 163 -11.42 -16.68 6.32
CA LYS B 163 -12.27 -15.66 5.73
CA LYS B 163 -12.25 -15.61 5.78
C LYS B 163 -11.58 -14.97 4.57
N LYS B 164 -10.28 -14.66 4.69
CA LYS B 164 -9.61 -14.00 3.58
C LYS B 164 -9.42 -14.94 2.39
N LEU B 165 -9.25 -16.23 2.65
CA LEU B 165 -9.18 -17.18 1.55
C LEU B 165 -10.52 -17.28 0.81
N MET B 166 -11.65 -17.26 1.56
CA MET B 166 -12.95 -17.29 0.89
C MET B 166 -13.24 -15.96 0.20
N HIS B 167 -12.79 -14.85 0.77
CA HIS B 167 -12.85 -13.55 0.08
C HIS B 167 -12.09 -13.62 -1.25
N GLN B 168 -10.90 -14.22 -1.25
CA GLN B 168 -10.14 -14.37 -2.49
C GLN B 168 -10.89 -15.22 -3.51
N ALA B 169 -11.53 -16.31 -3.06
CA ALA B 169 -12.36 -17.08 -3.98
C ALA B 169 -13.44 -16.21 -4.59
N GLY B 170 -14.04 -15.33 -3.78
CA GLY B 170 -15.03 -14.40 -4.29
C GLY B 170 -14.46 -13.39 -5.26
N LEU B 171 -13.29 -12.82 -4.93
CA LEU B 171 -12.65 -11.85 -5.81
C LEU B 171 -12.32 -12.46 -7.16
N LEU B 172 -12.01 -13.76 -7.18
CA LEU B 172 -11.69 -14.42 -8.43
C LEU B 172 -12.88 -14.50 -9.37
N SER B 173 -14.12 -14.43 -8.86
CA SER B 173 -15.28 -14.31 -9.72
C SER B 173 -15.15 -13.11 -10.65
N HIS B 174 -14.78 -11.97 -10.08
CA HIS B 174 -14.66 -10.75 -10.87
CA HIS B 174 -14.66 -10.75 -10.87
C HIS B 174 -13.42 -10.80 -11.75
N ALA B 175 -12.36 -11.48 -11.32
CA ALA B 175 -11.20 -11.66 -12.19
C ALA B 175 -11.58 -12.44 -13.43
N LEU B 176 -12.42 -13.47 -13.27
CA LEU B 176 -12.85 -14.24 -14.44
C LEU B 176 -13.63 -13.37 -15.41
N GLU B 177 -14.53 -12.53 -14.89
CA GLU B 177 -15.27 -11.58 -15.73
C GLU B 177 -14.31 -10.60 -16.41
N ASP B 178 -13.42 -9.99 -15.63
CA ASP B 178 -12.48 -9.03 -16.20
C ASP B 178 -11.61 -9.65 -17.29
N ALA B 179 -11.22 -10.91 -17.11
CA ALA B 179 -10.31 -11.55 -18.05
C ALA B 179 -10.87 -11.52 -19.48
N GLU B 180 -12.19 -11.63 -19.64
CA GLU B 180 -12.76 -11.56 -20.98
C GLU B 180 -12.43 -10.24 -21.66
N HIS B 181 -12.58 -9.13 -20.94
CA HIS B 181 -12.31 -7.81 -21.52
C HIS B 181 -10.83 -7.62 -21.82
N PHE B 182 -9.97 -8.29 -21.08
CA PHE B 182 -8.53 -8.24 -21.31
C PHE B 182 -8.07 -9.21 -22.38
N GLY B 183 -9.00 -9.89 -23.05
CA GLY B 183 -8.70 -10.70 -24.22
C GLY B 183 -8.73 -12.21 -24.01
N TRP B 184 -9.01 -12.69 -22.81
CA TRP B 184 -9.04 -14.14 -22.58
C TRP B 184 -10.36 -14.74 -23.06
N SER B 185 -10.29 -15.96 -23.59
CA SER B 185 -11.39 -16.58 -24.31
C SER B 185 -12.44 -17.29 -23.44
N LEU B 186 -12.34 -17.22 -22.12
CA LEU B 186 -13.33 -17.87 -21.28
C LEU B 186 -14.67 -17.12 -21.34
N ASP B 187 -15.69 -17.80 -20.82
CA ASP B 187 -17.07 -17.29 -20.76
CA ASP B 187 -17.04 -17.26 -20.75
C ASP B 187 -17.55 -17.47 -19.32
N ARG B 188 -17.47 -16.39 -18.54
CA ARG B 188 -17.83 -16.40 -17.13
C ARG B 188 -19.21 -17.01 -16.88
N SER B 189 -20.12 -16.85 -17.84
CA SER B 189 -21.50 -17.30 -17.60
C SER B 189 -21.63 -18.82 -17.58
N LYS B 190 -20.65 -19.57 -18.11
CA LYS B 190 -20.68 -21.03 -18.03
C LYS B 190 -19.72 -21.61 -17.00
N ILE B 191 -19.19 -20.79 -16.11
CA ILE B 191 -18.29 -21.24 -15.05
CA ILE B 191 -18.31 -21.25 -15.06
C ILE B 191 -19.06 -21.19 -13.74
N SER B 192 -18.92 -22.23 -12.92
CA SER B 192 -19.61 -22.29 -11.64
C SER B 192 -18.59 -22.55 -10.53
N HIS B 193 -19.04 -22.39 -9.29
CA HIS B 193 -18.18 -22.58 -8.13
C HIS B 193 -18.58 -23.83 -7.35
N ASN B 194 -17.57 -24.55 -6.87
CA ASN B 194 -17.76 -25.76 -6.05
C ASN B 194 -17.31 -25.44 -4.62
N TRP B 195 -18.29 -25.25 -3.74
CA TRP B 195 -18.01 -24.91 -2.35
C TRP B 195 -17.11 -25.93 -1.68
N SER B 196 -17.41 -27.22 -1.86
N SER B 196 -17.39 -27.21 -1.85
CA SER B 196 -16.66 -28.26 -1.15
CA SER B 196 -16.62 -28.19 -1.10
C SER B 196 -15.20 -28.28 -1.58
C SER B 196 -15.18 -28.29 -1.58
N THR B 197 -14.92 -28.03 -2.86
CA THR B 197 -13.54 -27.97 -3.31
C THR B 197 -12.82 -26.83 -2.62
N MET B 198 -13.48 -25.68 -2.49
CA MET B 198 -12.80 -24.56 -1.86
C MET B 198 -12.57 -24.83 -0.38
N VAL B 199 -13.58 -25.36 0.32
CA VAL B 199 -13.43 -25.67 1.74
C VAL B 199 -12.32 -26.69 1.96
N GLU B 200 -12.22 -27.71 1.11
CA GLU B 200 -11.16 -28.69 1.25
CA GLU B 200 -11.15 -28.68 1.30
C GLU B 200 -9.78 -28.02 1.17
N GLY B 201 -9.61 -27.10 0.22
CA GLY B 201 -8.33 -26.41 0.09
C GLY B 201 -8.06 -25.52 1.29
N VAL B 202 -9.07 -24.76 1.74
CA VAL B 202 -8.91 -23.90 2.91
C VAL B 202 -8.53 -24.73 4.13
N GLN B 203 -9.25 -25.83 4.35
CA GLN B 203 -9.01 -26.65 5.53
C GLN B 203 -7.66 -27.35 5.48
N SER B 204 -7.19 -27.71 4.29
CA SER B 204 -5.84 -28.27 4.18
CA SER B 204 -5.84 -28.27 4.18
C SER B 204 -4.78 -27.26 4.59
N HIS B 205 -4.97 -26.00 4.19
CA HIS B 205 -4.03 -24.98 4.64
C HIS B 205 -4.10 -24.79 6.15
N ILE B 206 -5.31 -24.71 6.71
CA ILE B 206 -5.46 -24.57 8.15
C ILE B 206 -4.76 -25.72 8.89
N GLY B 207 -4.95 -26.94 8.39
CA GLY B 207 -4.28 -28.08 9.01
C GLY B 207 -2.76 -27.93 9.00
N SER B 208 -2.21 -27.33 7.94
CA SER B 208 -0.77 -27.12 7.93
C SER B 208 -0.35 -26.11 8.99
N LEU B 209 -1.21 -25.14 9.28
CA LEU B 209 -0.94 -24.19 10.36
C LEU B 209 -1.06 -24.85 11.73
N ASN B 210 -2.10 -25.67 11.95
CA ASN B 210 -2.22 -26.37 13.22
C ASN B 210 -0.95 -27.17 13.50
N TRP B 211 -0.49 -27.94 12.50
N TRP B 211 -0.50 -27.93 12.50
CA TRP B 211 0.70 -28.75 12.65
CA TRP B 211 0.70 -28.75 12.65
C TRP B 211 1.93 -27.88 12.86
C TRP B 211 1.92 -27.87 12.87
N GLY B 212 2.05 -26.80 12.08
CA GLY B 212 3.21 -25.92 12.22
C GLY B 212 3.33 -25.31 13.61
N TYR B 213 2.19 -24.96 14.23
CA TYR B 213 2.27 -24.43 15.58
C TYR B 213 2.72 -25.49 16.58
N LYS B 214 2.25 -26.73 16.41
CA LYS B 214 2.71 -27.79 17.30
C LYS B 214 4.20 -28.01 17.16
N VAL B 215 4.70 -28.01 15.93
CA VAL B 215 6.13 -28.16 15.69
C VAL B 215 6.90 -26.98 16.28
N ALA B 216 6.37 -25.77 16.12
CA ALA B 216 7.05 -24.58 16.65
C ALA B 216 7.15 -24.65 18.17
N LEU B 217 6.09 -25.07 18.86
CA LEU B 217 6.19 -25.19 20.31
C LEU B 217 7.20 -26.27 20.71
N ARG B 218 7.16 -27.42 20.05
CA ARG B 218 8.14 -28.47 20.32
CA ARG B 218 8.14 -28.47 20.31
C ARG B 218 9.56 -27.94 20.15
N ASP B 219 9.82 -27.23 19.04
CA ASP B 219 11.16 -26.76 18.74
C ASP B 219 11.63 -25.66 19.68
N ASN B 220 10.71 -24.97 20.35
CA ASN B 220 11.04 -23.96 21.34
C ASN B 220 11.03 -24.50 22.77
N GLN B 221 10.87 -25.82 22.93
CA GLN B 221 10.83 -26.46 24.25
C GLN B 221 9.65 -25.99 25.09
N VAL B 222 8.58 -25.58 24.44
CA VAL B 222 7.34 -25.20 25.12
C VAL B 222 6.49 -26.45 25.29
N THR B 223 5.94 -26.64 26.48
CA THR B 223 5.01 -27.74 26.72
C THR B 223 3.61 -27.36 26.26
N TYR B 224 3.10 -28.08 25.27
CA TYR B 224 1.74 -27.87 24.77
C TYR B 224 0.81 -28.88 25.42
N LEU B 225 -0.20 -28.40 26.12
CA LEU B 225 -1.23 -29.23 26.73
C LEU B 225 -2.56 -28.92 26.05
N ASN B 226 -3.13 -29.92 25.37
CA ASN B 226 -4.45 -29.78 24.76
C ASN B 226 -5.46 -30.06 25.87
N ALA B 227 -5.64 -29.05 26.72
CA ALA B 227 -6.41 -29.20 27.95
C ALA B 227 -7.05 -27.86 28.28
N LYS B 228 -8.20 -27.92 28.95
CA LYS B 228 -8.89 -26.73 29.41
C LYS B 228 -8.29 -26.27 30.73
N GLY B 229 -7.88 -25.01 30.80
CA GLY B 229 -7.28 -24.45 31.99
C GLY B 229 -8.26 -23.60 32.80
N ARG B 230 -8.12 -23.65 34.12
CA ARG B 230 -8.89 -22.79 35.01
C ARG B 230 -7.95 -22.28 36.09
N LEU B 231 -7.85 -20.97 36.21
CA LEU B 231 -7.03 -20.36 37.25
C LEU B 231 -7.78 -20.42 38.57
N ILE B 232 -7.27 -21.22 39.50
CA ILE B 232 -7.95 -21.42 40.78
C ILE B 232 -7.30 -20.64 41.93
N SER B 233 -6.08 -20.18 41.77
CA SER B 233 -5.41 -19.26 42.67
C SER B 233 -4.32 -18.57 41.85
N PRO B 234 -3.67 -17.54 42.40
CA PRO B 234 -2.73 -16.77 41.55
C PRO B 234 -1.68 -17.61 40.82
N HIS B 235 -1.21 -18.70 41.42
CA HIS B 235 -0.16 -19.51 40.81
C HIS B 235 -0.60 -20.93 40.42
N GLU B 236 -1.87 -21.27 40.57
CA GLU B 236 -2.33 -22.63 40.33
C GLU B 236 -3.35 -22.67 39.21
N VAL B 237 -3.09 -23.52 38.23
CA VAL B 237 -3.98 -23.71 37.09
C VAL B 237 -4.46 -25.15 37.12
N GLN B 238 -5.77 -25.33 37.24
CA GLN B 238 -6.38 -26.65 37.13
CA GLN B 238 -6.36 -26.64 37.13
C GLN B 238 -6.57 -26.97 35.66
N ILE B 239 -6.10 -28.14 35.25
CA ILE B 239 -6.22 -28.56 33.86
C ILE B 239 -7.09 -29.81 33.78
N THR B 240 -7.92 -29.85 32.74
CA THR B 240 -8.77 -31.00 32.46
C THR B 240 -8.40 -31.49 31.06
N ASP B 241 -7.87 -32.71 30.97
CA ASP B 241 -7.30 -33.21 29.72
C ASP B 241 -8.39 -33.86 28.86
N LYS B 242 -7.99 -34.46 27.73
CA LYS B 242 -8.94 -35.01 26.78
C LYS B 242 -9.73 -36.19 27.36
N ASN B 243 -9.20 -36.87 28.38
CA ASN B 243 -9.87 -37.98 29.03
C ASN B 243 -10.57 -37.56 30.33
N GLN B 244 -10.79 -36.26 30.51
CA GLN B 244 -11.45 -35.70 31.70
C GLN B 244 -10.63 -35.85 32.97
N LYS B 245 -9.33 -36.13 32.84
CA LYS B 245 -8.46 -36.20 34.02
C LYS B 245 -8.14 -34.78 34.49
N VAL B 246 -8.33 -34.54 35.78
CA VAL B 246 -8.16 -33.22 36.38
C VAL B 246 -6.90 -33.24 37.22
N SER B 247 -6.04 -32.23 37.03
CA SER B 247 -4.83 -32.07 37.83
C SER B 247 -4.54 -30.59 37.95
N THR B 248 -3.50 -30.27 38.73
CA THR B 248 -3.08 -28.89 38.94
C THR B 248 -1.61 -28.73 38.59
N ILE B 249 -1.30 -27.67 37.85
CA ILE B 249 0.07 -27.26 37.59
C ILE B 249 0.24 -25.86 38.15
N THR B 250 1.49 -25.52 38.48
CA THR B 250 1.78 -24.22 39.06
C THR B 250 2.69 -23.42 38.14
N GLY B 251 2.51 -22.10 38.17
CA GLY B 251 3.31 -21.22 37.33
C GLY B 251 3.58 -19.92 38.06
N ASN B 252 4.77 -19.37 37.80
CA ASN B 252 5.13 -18.07 38.37
C ASN B 252 4.27 -16.97 37.76
N LYS B 253 4.42 -16.74 36.46
CA LYS B 253 3.60 -15.77 35.74
C LYS B 253 2.50 -16.52 34.97
N ILE B 254 1.33 -15.90 34.87
CA ILE B 254 0.19 -16.44 34.14
C ILE B 254 -0.22 -15.41 33.09
N ILE B 255 -0.40 -15.86 31.85
CA ILE B 255 -0.98 -15.02 30.80
C ILE B 255 -2.32 -15.61 30.41
N LEU B 256 -3.38 -14.82 30.58
CA LEU B 256 -4.71 -15.18 30.12
C LEU B 256 -4.83 -14.70 28.67
N ALA B 257 -5.15 -15.63 27.78
CA ALA B 257 -5.21 -15.32 26.35
C ALA B 257 -6.29 -16.19 25.72
N THR B 258 -7.47 -16.23 26.33
CA THR B 258 -8.50 -17.19 25.99
C THR B 258 -9.51 -16.70 24.95
N GLY B 259 -9.40 -15.44 24.52
CA GLY B 259 -10.21 -15.00 23.38
C GLY B 259 -11.71 -14.98 23.66
N GLU B 260 -12.48 -14.95 22.57
CA GLU B 260 -13.93 -14.84 22.63
C GLU B 260 -14.57 -15.88 21.73
N ARG B 261 -15.89 -15.98 21.82
CA ARG B 261 -16.67 -16.85 20.94
C ARG B 261 -17.93 -16.12 20.49
N PRO B 262 -18.54 -16.55 19.39
CA PRO B 262 -19.75 -15.86 18.88
C PRO B 262 -20.90 -15.90 19.86
N LYS B 263 -21.64 -14.79 19.90
CA LYS B 263 -22.91 -14.72 20.61
C LYS B 263 -24.05 -15.22 19.73
N TYR B 264 -25.13 -15.65 20.38
CA TYR B 264 -26.40 -15.92 19.70
C TYR B 264 -27.48 -15.02 20.30
N PRO B 265 -28.45 -14.58 19.51
CA PRO B 265 -29.59 -13.88 20.11
C PRO B 265 -30.42 -14.86 20.91
N GLU B 266 -31.10 -14.33 21.93
CA GLU B 266 -31.94 -15.15 22.78
CA GLU B 266 -31.94 -15.15 22.80
C GLU B 266 -33.35 -15.23 22.19
N ILE B 267 -33.45 -16.03 21.13
CA ILE B 267 -34.71 -16.27 20.43
C ILE B 267 -34.87 -17.76 20.17
N PRO B 268 -36.09 -18.27 20.07
CA PRO B 268 -36.27 -19.70 19.81
C PRO B 268 -35.63 -20.10 18.49
N GLY B 269 -34.93 -21.24 18.51
CA GLY B 269 -34.38 -21.81 17.31
C GLY B 269 -32.98 -21.35 16.95
N ALA B 270 -32.46 -20.31 17.60
CA ALA B 270 -31.19 -19.73 17.17
C ALA B 270 -30.04 -20.73 17.34
N VAL B 271 -29.87 -21.27 18.54
CA VAL B 271 -28.77 -22.20 18.80
C VAL B 271 -29.01 -23.52 18.08
N GLU B 272 -30.27 -23.96 18.01
CA GLU B 272 -30.58 -25.25 17.41
C GLU B 272 -30.37 -25.26 15.91
N TYR B 273 -30.79 -24.19 15.22
CA TYR B 273 -30.93 -24.24 13.76
C TYR B 273 -30.04 -23.27 13.02
N GLY B 274 -29.50 -22.25 13.67
CA GLY B 274 -28.57 -21.35 13.03
C GLY B 274 -27.13 -21.79 13.24
N ILE B 275 -26.22 -21.09 12.57
CA ILE B 275 -24.78 -21.33 12.72
C ILE B 275 -24.10 -19.99 12.93
N THR B 276 -22.79 -20.03 13.19
CA THR B 276 -21.99 -18.81 13.25
C THR B 276 -20.76 -18.99 12.37
N SER B 277 -19.92 -17.96 12.36
CA SER B 277 -18.63 -18.05 11.67
C SER B 277 -17.80 -19.26 12.13
N ASP B 278 -17.95 -19.68 13.38
CA ASP B 278 -17.22 -20.86 13.85
C ASP B 278 -17.54 -22.09 13.00
N ASP B 279 -18.75 -22.20 12.48
CA ASP B 279 -19.16 -23.36 11.71
C ASP B 279 -18.97 -23.14 10.21
N LEU B 280 -19.04 -21.89 9.75
CA LEU B 280 -19.08 -21.62 8.32
C LEU B 280 -17.82 -22.10 7.60
N PHE B 281 -16.66 -21.93 8.21
CA PHE B 281 -15.41 -22.09 7.46
C PHE B 281 -15.04 -23.53 7.20
N SER B 282 -15.70 -24.48 7.85
CA SER B 282 -15.51 -25.91 7.58
C SER B 282 -16.82 -26.58 7.15
N LEU B 283 -17.84 -25.81 6.81
CA LEU B 283 -19.15 -26.39 6.53
C LEU B 283 -19.04 -27.31 5.32
N PRO B 284 -19.48 -28.57 5.42
CA PRO B 284 -19.23 -29.50 4.32
C PRO B 284 -20.16 -29.31 3.11
N TYR B 285 -21.23 -28.53 3.27
CA TYR B 285 -22.15 -28.26 2.17
CA TYR B 285 -22.20 -28.26 2.21
C TYR B 285 -22.25 -26.76 1.98
N PHE B 286 -22.54 -26.35 0.75
CA PHE B 286 -22.75 -24.93 0.48
C PHE B 286 -23.95 -24.47 1.29
N PRO B 287 -23.86 -23.31 1.96
CA PRO B 287 -25.01 -22.86 2.78
C PRO B 287 -26.29 -22.72 1.99
N GLY B 288 -26.22 -22.54 0.67
CA GLY B 288 -27.43 -22.32 -0.10
C GLY B 288 -27.98 -20.92 0.15
N LYS B 289 -29.29 -20.77 -0.01
CA LYS B 289 -29.91 -19.47 0.26
C LYS B 289 -29.70 -19.10 1.72
N THR B 290 -29.05 -17.96 1.96
CA THR B 290 -28.51 -17.66 3.28
C THR B 290 -29.02 -16.32 3.79
N LEU B 291 -29.35 -16.29 5.08
CA LEU B 291 -29.61 -15.07 5.84
C LEU B 291 -28.47 -14.86 6.81
N VAL B 292 -27.82 -13.69 6.76
CA VAL B 292 -26.85 -13.29 7.76
C VAL B 292 -27.54 -12.29 8.67
N ILE B 293 -27.62 -12.60 9.95
CA ILE B 293 -28.20 -11.69 10.94
C ILE B 293 -27.06 -10.94 11.62
N GLY B 294 -27.03 -9.63 11.46
CA GLY B 294 -25.96 -8.81 11.99
C GLY B 294 -25.35 -7.92 10.93
N ALA B 295 -24.52 -6.99 11.40
CA ALA B 295 -24.00 -5.97 10.50
C ALA B 295 -22.59 -5.54 10.86
N SER B 296 -21.87 -6.38 11.62
CA SER B 296 -20.47 -6.21 11.93
C SER B 296 -19.62 -6.51 10.70
N TYR B 297 -18.32 -6.31 10.84
CA TYR B 297 -17.44 -6.67 9.73
C TYR B 297 -17.50 -8.16 9.42
N VAL B 298 -17.70 -9.00 10.44
CA VAL B 298 -17.84 -10.43 10.21
C VAL B 298 -19.07 -10.69 9.36
N ALA B 299 -20.20 -10.07 9.72
CA ALA B 299 -21.44 -10.26 8.96
C ALA B 299 -21.25 -9.86 7.51
N LEU B 300 -20.67 -8.68 7.27
CA LEU B 300 -20.59 -8.17 5.91
C LEU B 300 -19.54 -8.91 5.09
N GLU B 301 -18.41 -9.28 5.70
CA GLU B 301 -17.42 -10.06 4.98
C GLU B 301 -17.99 -11.39 4.51
N CYS B 302 -18.68 -12.10 5.41
CA CYS B 302 -19.26 -13.38 5.00
C CYS B 302 -20.36 -13.24 3.99
N ALA B 303 -21.27 -12.28 4.17
CA ALA B 303 -22.30 -12.09 3.17
C ALA B 303 -21.67 -11.76 1.82
N GLY B 304 -20.63 -10.92 1.83
CA GLY B 304 -19.99 -10.53 0.59
C GLY B 304 -19.39 -11.69 -0.19
N PHE B 305 -18.62 -12.55 0.49
CA PHE B 305 -18.03 -13.63 -0.30
C PHE B 305 -19.08 -14.66 -0.71
N LEU B 306 -20.09 -14.89 0.12
CA LEU B 306 -21.14 -15.82 -0.29
C LEU B 306 -21.85 -15.33 -1.54
N ALA B 307 -22.12 -14.03 -1.64
CA ALA B 307 -22.75 -13.51 -2.85
C ALA B 307 -21.82 -13.62 -4.05
N SER B 308 -20.54 -13.34 -3.87
CA SER B 308 -19.61 -13.40 -5.00
C SER B 308 -19.44 -14.82 -5.50
N LEU B 309 -19.60 -15.81 -4.64
CA LEU B 309 -19.54 -17.19 -5.08
C LEU B 309 -20.78 -17.60 -5.87
N GLY B 310 -21.81 -16.76 -5.90
CA GLY B 310 -23.04 -17.05 -6.59
C GLY B 310 -24.24 -17.32 -5.69
N GLY B 311 -24.11 -17.13 -4.38
CA GLY B 311 -25.20 -17.44 -3.49
C GLY B 311 -26.27 -16.36 -3.42
N ASP B 312 -27.45 -16.79 -2.99
CA ASP B 312 -28.57 -15.90 -2.71
C ASP B 312 -28.45 -15.49 -1.25
N VAL B 313 -28.07 -14.24 -0.98
CA VAL B 313 -27.68 -13.80 0.35
C VAL B 313 -28.47 -12.55 0.75
N THR B 314 -28.96 -12.56 1.99
CA THR B 314 -29.65 -11.43 2.60
C THR B 314 -28.99 -11.14 3.94
N VAL B 315 -28.83 -9.86 4.26
CA VAL B 315 -28.30 -9.40 5.54
C VAL B 315 -29.40 -8.67 6.28
N MET B 316 -29.67 -9.06 7.52
CA MET B 316 -30.73 -8.42 8.29
C MET B 316 -30.08 -7.49 9.32
N VAL B 317 -30.35 -6.19 9.17
CA VAL B 317 -29.64 -5.13 9.87
C VAL B 317 -30.57 -4.51 10.90
N ARG B 318 -30.20 -4.61 12.18
CA ARG B 318 -30.99 -4.02 13.26
C ARG B 318 -31.06 -2.50 13.14
N SER B 319 -29.90 -1.86 12.98
CA SER B 319 -29.84 -0.40 12.89
C SER B 319 -28.94 0.04 11.74
N ILE B 320 -27.62 0.06 11.98
CA ILE B 320 -26.65 0.58 11.02
C ILE B 320 -25.62 -0.50 10.70
N LEU B 321 -24.87 -0.26 9.63
CA LEU B 321 -23.73 -1.10 9.25
C LEU B 321 -22.46 -0.64 9.96
N LEU B 322 -21.64 -1.61 10.37
CA LEU B 322 -20.29 -1.32 10.84
C LEU B 322 -20.28 -0.25 11.94
N ARG B 323 -21.15 -0.44 12.93
CA ARG B 323 -21.13 0.45 14.09
C ARG B 323 -19.71 0.53 14.65
N GLY B 324 -19.25 1.76 14.91
CA GLY B 324 -17.91 2.00 15.39
C GLY B 324 -16.95 2.44 14.30
N PHE B 325 -17.32 2.24 13.04
CA PHE B 325 -16.53 2.70 11.91
C PHE B 325 -17.17 3.95 11.32
N ASP B 326 -16.35 4.73 10.61
CA ASP B 326 -16.82 5.90 9.88
C ASP B 326 -18.06 5.57 9.06
N GLN B 327 -19.17 6.29 9.32
CA GLN B 327 -20.45 5.89 8.76
C GLN B 327 -20.62 6.28 7.29
N GLN B 328 -19.92 7.32 6.82
CA GLN B 328 -19.89 7.55 5.38
C GLN B 328 -19.26 6.36 4.67
N MET B 329 -18.13 5.89 5.17
CA MET B 329 -17.49 4.72 4.58
C MET B 329 -18.36 3.49 4.69
N ALA B 330 -19.03 3.30 5.84
CA ALA B 330 -19.89 2.13 6.00
C ALA B 330 -21.01 2.14 4.97
N GLU B 331 -21.59 3.31 4.72
CA GLU B 331 -22.66 3.40 3.72
C GLU B 331 -22.15 3.06 2.33
N LYS B 332 -20.93 3.53 1.99
CA LYS B 332 -20.37 3.20 0.68
C LYS B 332 -20.07 1.71 0.56
N VAL B 333 -19.58 1.09 1.64
CA VAL B 333 -19.34 -0.36 1.64
C VAL B 333 -20.63 -1.10 1.35
N GLY B 334 -21.69 -0.74 2.09
CA GLY B 334 -22.96 -1.43 1.93
C GLY B 334 -23.59 -1.18 0.59
N ASP B 335 -23.48 0.04 0.06
CA ASP B 335 -24.06 0.34 -1.25
C ASP B 335 -23.40 -0.52 -2.33
N TYR B 336 -22.08 -0.68 -2.27
CA TYR B 336 -21.40 -1.54 -3.23
C TYR B 336 -21.93 -2.97 -3.13
N MET B 337 -22.03 -3.49 -1.92
CA MET B 337 -22.58 -4.85 -1.79
C MET B 337 -24.00 -4.98 -2.33
N GLU B 338 -24.85 -3.99 -2.07
CA GLU B 338 -26.22 -4.06 -2.56
C GLU B 338 -26.27 -4.01 -4.08
N ASN B 339 -25.37 -3.24 -4.70
CA ASN B 339 -25.32 -3.20 -6.15
C ASN B 339 -24.72 -4.46 -6.75
N HIS B 340 -24.06 -5.29 -5.93
CA HIS B 340 -23.39 -6.50 -6.39
C HIS B 340 -23.97 -7.75 -5.74
N GLY B 341 -25.28 -7.75 -5.52
CA GLY B 341 -25.99 -8.99 -5.28
C GLY B 341 -26.41 -9.26 -3.85
N VAL B 342 -25.98 -8.48 -2.87
CA VAL B 342 -26.38 -8.71 -1.49
C VAL B 342 -27.67 -7.96 -1.22
N LYS B 343 -28.68 -8.68 -0.71
CA LYS B 343 -29.93 -8.06 -0.30
C LYS B 343 -29.85 -7.66 1.15
N PHE B 344 -30.49 -6.54 1.50
CA PHE B 344 -30.50 -6.06 2.88
C PHE B 344 -31.93 -5.93 3.36
N ALA B 345 -32.23 -6.51 4.53
CA ALA B 345 -33.49 -6.31 5.24
C ALA B 345 -33.15 -5.28 6.32
N LYS B 346 -33.51 -4.02 6.06
CA LYS B 346 -33.07 -2.91 6.89
C LYS B 346 -34.02 -2.65 8.05
N LEU B 347 -33.45 -2.24 9.19
CA LEU B 347 -34.22 -1.91 10.38
C LEU B 347 -35.09 -3.08 10.81
N CYS B 348 -34.47 -4.26 10.94
CA CYS B 348 -35.20 -5.51 11.09
C CYS B 348 -34.46 -6.39 12.09
N VAL B 349 -35.23 -7.11 12.91
CA VAL B 349 -34.66 -8.04 13.89
C VAL B 349 -35.39 -9.38 13.81
N PRO B 350 -34.74 -10.48 14.12
CA PRO B 350 -35.40 -11.79 14.11
C PRO B 350 -36.11 -12.07 15.43
N ASP B 351 -37.22 -12.80 15.31
CA ASP B 351 -37.99 -13.23 16.47
C ASP B 351 -37.91 -14.73 16.71
N GLU B 352 -37.80 -15.55 15.66
CA GLU B 352 -37.77 -16.99 15.82
CA GLU B 352 -37.73 -16.99 15.84
C GLU B 352 -37.19 -17.62 14.56
N ILE B 353 -36.49 -18.72 14.74
CA ILE B 353 -36.02 -19.57 13.65
C ILE B 353 -36.77 -20.90 13.80
N LYS B 354 -37.54 -21.26 12.79
CA LYS B 354 -38.29 -22.50 12.79
CA LYS B 354 -38.30 -22.51 12.78
C LYS B 354 -37.67 -23.47 11.78
N GLN B 355 -37.57 -24.73 12.16
CA GLN B 355 -36.99 -25.73 11.28
C GLN B 355 -38.06 -26.29 10.36
N LEU B 356 -37.77 -26.28 9.05
CA LEU B 356 -38.63 -26.90 8.05
C LEU B 356 -38.05 -28.19 7.49
N LYS B 357 -36.71 -28.30 7.41
CA LYS B 357 -36.05 -29.53 7.00
CA LYS B 357 -36.06 -29.54 7.02
C LYS B 357 -34.75 -29.64 7.79
N VAL B 358 -34.44 -30.86 8.24
CA VAL B 358 -33.19 -31.14 8.93
C VAL B 358 -32.04 -31.18 7.93
N VAL B 359 -30.85 -30.76 8.38
CA VAL B 359 -29.65 -30.86 7.56
C VAL B 359 -29.45 -32.32 7.16
N ASP B 360 -29.13 -32.55 5.89
CA ASP B 360 -28.90 -33.91 5.39
C ASP B 360 -27.40 -34.13 5.34
N THR B 361 -26.86 -34.71 6.42
CA THR B 361 -25.42 -34.94 6.50
C THR B 361 -24.97 -35.99 5.48
N GLU B 362 -25.79 -37.02 5.25
CA GLU B 362 -25.37 -38.10 4.35
C GLU B 362 -25.22 -37.60 2.91
N ASN B 363 -26.19 -36.84 2.42
CA ASN B 363 -26.15 -36.31 1.06
CA ASN B 363 -26.14 -36.31 1.06
C ASN B 363 -25.51 -34.93 0.99
N ASN B 364 -25.01 -34.41 2.10
CA ASN B 364 -24.26 -33.16 2.11
CA ASN B 364 -24.27 -33.14 2.15
C ASN B 364 -25.10 -31.98 1.59
N LYS B 365 -26.27 -31.79 2.18
CA LYS B 365 -27.13 -30.68 1.79
C LYS B 365 -27.63 -29.97 3.03
N PRO B 366 -27.80 -28.65 2.96
CA PRO B 366 -28.38 -27.93 4.09
C PRO B 366 -29.83 -28.31 4.27
N GLY B 367 -30.37 -27.90 5.41
CA GLY B 367 -31.79 -28.02 5.68
C GLY B 367 -32.57 -26.84 5.12
N LEU B 368 -33.64 -26.50 5.81
CA LEU B 368 -34.49 -25.40 5.40
C LEU B 368 -35.12 -24.82 6.65
N LEU B 369 -35.16 -23.50 6.72
CA LEU B 369 -35.56 -22.77 7.92
C LEU B 369 -36.56 -21.69 7.53
N LEU B 370 -37.48 -21.41 8.43
CA LEU B 370 -38.39 -20.28 8.32
C LEU B 370 -37.94 -19.25 9.36
N VAL B 371 -37.62 -18.05 8.92
CA VAL B 371 -37.20 -16.98 9.82
C VAL B 371 -38.34 -15.98 9.93
N LYS B 372 -38.79 -15.75 11.16
CA LYS B 372 -39.82 -14.76 11.46
CA LYS B 372 -39.80 -14.74 11.43
C LYS B 372 -39.15 -13.61 12.20
N GLY B 373 -39.47 -12.38 11.78
CA GLY B 373 -38.94 -11.21 12.44
C GLY B 373 -39.85 -10.02 12.24
N HIS B 374 -39.36 -8.83 12.56
CA HIS B 374 -40.19 -7.65 12.36
C HIS B 374 -39.32 -6.43 12.15
N TYR B 375 -39.88 -5.47 11.44
CA TYR B 375 -39.23 -4.20 11.15
C TYR B 375 -39.65 -3.16 12.18
N THR B 376 -38.86 -2.08 12.29
CA THR B 376 -39.16 -1.03 13.26
C THR B 376 -40.50 -0.35 12.98
N ASP B 377 -40.98 -0.40 11.74
CA ASP B 377 -42.29 0.18 11.44
C ASP B 377 -43.45 -0.75 11.74
N GLY B 378 -43.19 -1.89 12.39
CA GLY B 378 -44.23 -2.81 12.79
C GLY B 378 -44.52 -3.92 11.79
N LYS B 379 -44.08 -3.80 10.55
CA LYS B 379 -44.35 -4.82 9.56
C LYS B 379 -43.59 -6.10 9.89
N LYS B 380 -44.14 -7.23 9.44
CA LYS B 380 -43.56 -8.53 9.73
C LYS B 380 -42.56 -8.95 8.65
N PHE B 381 -41.57 -9.71 9.06
CA PHE B 381 -40.61 -10.36 8.17
C PHE B 381 -40.87 -11.86 8.28
N GLU B 382 -41.01 -12.52 7.13
CA GLU B 382 -41.18 -13.98 7.10
C GLU B 382 -40.62 -14.49 5.79
N GLU B 383 -39.53 -15.25 5.85
CA GLU B 383 -38.87 -15.75 4.65
CA GLU B 383 -38.89 -15.76 4.64
C GLU B 383 -38.16 -17.06 4.98
N GLU B 384 -38.06 -17.93 3.97
CA GLU B 384 -37.35 -19.20 4.10
C GLU B 384 -35.89 -19.07 3.66
N PHE B 385 -35.00 -19.72 4.40
CA PHE B 385 -33.58 -19.76 4.08
C PHE B 385 -33.07 -21.17 4.32
N GLU B 386 -32.03 -21.55 3.57
CA GLU B 386 -31.40 -22.83 3.82
C GLU B 386 -30.43 -22.75 5.00
N THR B 387 -29.77 -21.61 5.19
CA THR B 387 -28.80 -21.41 6.26
C THR B 387 -29.04 -20.04 6.87
N VAL B 388 -28.95 -19.96 8.20
CA VAL B 388 -29.02 -18.71 8.94
C VAL B 388 -27.72 -18.58 9.73
N ILE B 389 -26.97 -17.51 9.48
CA ILE B 389 -25.70 -17.26 10.14
C ILE B 389 -25.89 -16.08 11.07
N PHE B 390 -25.61 -16.28 12.36
CA PHE B 390 -25.65 -15.19 13.33
C PHE B 390 -24.27 -14.56 13.43
N ALA B 391 -24.20 -13.25 13.22
CA ALA B 391 -22.98 -12.47 13.40
C ALA B 391 -23.35 -11.24 14.23
N VAL B 392 -23.64 -11.48 15.51
CA VAL B 392 -24.21 -10.47 16.39
C VAL B 392 -23.26 -10.15 17.54
N GLY B 393 -21.97 -10.28 17.29
CA GLY B 393 -20.95 -9.96 18.27
C GLY B 393 -20.33 -11.21 18.87
N ARG B 394 -19.26 -10.97 19.62
CA ARG B 394 -18.48 -12.01 20.27
C ARG B 394 -18.27 -11.63 21.72
N GLU B 395 -18.05 -12.63 22.57
CA GLU B 395 -18.01 -12.40 23.99
C GLU B 395 -16.92 -13.25 24.64
N PRO B 396 -16.25 -12.72 25.65
CA PRO B 396 -15.32 -13.54 26.43
C PRO B 396 -16.13 -14.48 27.29
N GLN B 397 -15.48 -15.54 27.75
CA GLN B 397 -16.18 -16.55 28.54
C GLN B 397 -15.32 -16.91 29.74
N LEU B 398 -15.05 -15.89 30.58
CA LEU B 398 -14.02 -16.00 31.61
C LEU B 398 -14.53 -16.65 32.89
N SER B 399 -15.85 -16.77 33.06
CA SER B 399 -16.36 -17.40 34.27
C SER B 399 -15.89 -18.84 34.38
N LYS B 400 -15.63 -19.50 33.25
CA LYS B 400 -15.08 -20.84 33.32
C LYS B 400 -13.55 -20.86 33.30
N VAL B 401 -12.91 -19.77 32.91
CA VAL B 401 -11.45 -19.77 32.96
CA VAL B 401 -11.44 -19.67 32.92
C VAL B 401 -10.92 -19.26 34.30
N LEU B 402 -11.70 -18.48 35.04
CA LEU B 402 -11.21 -17.81 36.23
C LEU B 402 -12.14 -18.07 37.40
N CYS B 403 -11.58 -18.51 38.51
CA CYS B 403 -12.31 -18.59 39.76
CA CYS B 403 -12.33 -18.58 39.75
C CYS B 403 -12.45 -17.18 40.34
N GLU B 404 -13.67 -16.83 40.76
CA GLU B 404 -13.90 -15.49 41.28
C GLU B 404 -13.01 -15.16 42.48
N THR B 405 -12.60 -16.18 43.24
CA THR B 405 -11.79 -15.95 44.43
C THR B 405 -10.36 -15.55 44.09
N VAL B 406 -9.92 -15.69 42.84
CA VAL B 406 -8.55 -15.31 42.51
C VAL B 406 -8.37 -13.80 42.63
N GLY B 407 -9.39 -13.04 42.26
CA GLY B 407 -9.35 -11.60 42.38
C GLY B 407 -9.04 -10.83 41.10
N VAL B 408 -9.17 -11.46 39.93
CA VAL B 408 -8.96 -10.79 38.65
C VAL B 408 -10.22 -10.01 38.30
N LYS B 409 -10.11 -8.68 38.25
CA LYS B 409 -11.26 -7.83 38.03
C LYS B 409 -11.66 -7.82 36.56
N LEU B 410 -12.97 -8.00 36.32
CA LEU B 410 -13.56 -7.91 34.99
C LEU B 410 -14.48 -6.69 34.91
N ASP B 411 -14.68 -6.18 33.70
CA ASP B 411 -15.59 -5.06 33.50
C ASP B 411 -17.02 -5.56 33.29
N LYS B 412 -17.94 -4.63 32.99
CA LYS B 412 -19.35 -5.00 32.84
C LYS B 412 -19.60 -5.95 31.67
N ASN B 413 -18.69 -6.00 30.71
CA ASN B 413 -18.81 -6.91 29.56
C ASN B 413 -18.10 -8.23 29.77
N GLY B 414 -17.49 -8.44 30.93
CA GLY B 414 -16.77 -9.67 31.19
C GLY B 414 -15.34 -9.70 30.68
N ARG B 415 -14.78 -8.56 30.27
CA ARG B 415 -13.39 -8.51 29.84
C ARG B 415 -12.48 -8.10 30.98
N VAL B 416 -11.19 -8.39 30.85
CA VAL B 416 -10.24 -8.20 31.95
C VAL B 416 -9.77 -6.75 31.98
N VAL B 417 -9.79 -6.15 33.16
CA VAL B 417 -9.31 -4.79 33.35
C VAL B 417 -7.80 -4.84 33.56
N CYS B 418 -7.04 -4.25 32.63
CA CYS B 418 -5.59 -4.29 32.66
C CYS B 418 -4.96 -2.91 32.69
N THR B 419 -3.76 -2.86 33.26
CA THR B 419 -2.87 -1.72 33.13
C THR B 419 -2.30 -1.64 31.73
N ASP B 420 -1.57 -0.57 31.47
CA ASP B 420 -0.97 -0.38 30.15
C ASP B 420 0.17 -1.35 29.87
N ASP B 421 0.53 -2.20 30.83
CA ASP B 421 1.50 -3.26 30.60
C ASP B 421 0.85 -4.64 30.73
N GLU B 422 -0.47 -4.71 30.55
CA GLU B 422 -1.29 -5.93 30.47
C GLU B 422 -1.49 -6.61 31.83
N GLN B 423 -1.10 -5.98 32.92
CA GLN B 423 -1.22 -6.60 34.24
C GLN B 423 -2.66 -6.51 34.74
N THR B 424 -3.16 -7.61 35.31
CA THR B 424 -4.49 -7.62 35.90
C THR B 424 -4.39 -7.08 37.32
N THR B 425 -5.48 -7.15 38.08
CA THR B 425 -5.48 -6.78 39.50
C THR B 425 -4.78 -7.81 40.38
N VAL B 426 -4.37 -8.95 39.83
CA VAL B 426 -3.51 -9.91 40.50
C VAL B 426 -2.14 -9.82 39.83
N SER B 427 -1.10 -9.58 40.62
CA SER B 427 0.09 -8.92 40.08
C SER B 427 0.94 -9.83 39.19
N ASN B 428 0.84 -11.15 39.34
CA ASN B 428 1.57 -12.08 38.48
C ASN B 428 0.74 -12.56 37.30
N VAL B 429 -0.48 -12.05 37.15
CA VAL B 429 -1.43 -12.50 36.12
C VAL B 429 -1.63 -11.36 35.14
N TYR B 430 -1.49 -11.67 33.85
CA TYR B 430 -1.60 -10.71 32.76
C TYR B 430 -2.67 -11.20 31.79
N ALA B 431 -3.19 -10.29 30.97
CA ALA B 431 -4.17 -10.66 29.97
C ALA B 431 -3.85 -9.94 28.67
N ILE B 432 -3.99 -10.67 27.55
CA ILE B 432 -3.65 -10.14 26.23
C ILE B 432 -4.75 -10.54 25.25
N GLY B 433 -4.76 -9.86 24.11
CA GLY B 433 -5.68 -10.22 23.06
C GLY B 433 -7.08 -9.71 23.31
N ASP B 434 -8.06 -10.43 22.75
CA ASP B 434 -9.44 -9.92 22.74
C ASP B 434 -10.04 -9.75 24.13
N ILE B 435 -9.55 -10.47 25.15
CA ILE B 435 -10.12 -10.32 26.49
C ILE B 435 -9.58 -9.12 27.26
N ASN B 436 -8.60 -8.40 26.72
CA ASN B 436 -8.07 -7.23 27.40
C ASN B 436 -9.00 -6.06 27.10
N ALA B 437 -9.72 -5.60 28.12
CA ALA B 437 -10.78 -4.61 27.92
C ALA B 437 -10.25 -3.33 27.28
N GLY B 438 -11.01 -2.82 26.30
CA GLY B 438 -10.72 -1.54 25.70
C GLY B 438 -9.74 -1.55 24.54
N LYS B 439 -9.11 -2.72 24.23
CA LYS B 439 -8.07 -2.76 23.20
C LYS B 439 -8.64 -3.19 21.85
N PRO B 440 -8.04 -2.73 20.75
CA PRO B 440 -8.48 -3.20 19.42
C PRO B 440 -8.35 -4.72 19.33
N GLN B 441 -9.40 -5.36 18.84
CA GLN B 441 -9.50 -6.82 18.86
C GLN B 441 -9.03 -7.36 17.51
N LEU B 442 -7.71 -7.41 17.36
CA LEU B 442 -7.09 -7.75 16.08
C LEU B 442 -5.91 -8.67 16.33
N THR B 443 -5.63 -9.51 15.35
CA THR B 443 -4.54 -10.48 15.47
C THR B 443 -3.17 -9.85 15.67
N PRO B 444 -2.73 -8.87 14.88
CA PRO B 444 -1.38 -8.32 15.09
C PRO B 444 -1.26 -7.57 16.41
N VAL B 445 -2.37 -7.07 16.95
CA VAL B 445 -2.34 -6.45 18.28
C VAL B 445 -2.08 -7.52 19.34
N ALA B 446 -2.80 -8.63 19.28
CA ALA B 446 -2.57 -9.72 20.23
C ALA B 446 -1.13 -10.22 20.16
N ILE B 447 -0.59 -10.35 18.94
CA ILE B 447 0.76 -10.87 18.77
C ILE B 447 1.79 -9.90 19.35
N GLN B 448 1.68 -8.61 19.02
CA GLN B 448 2.59 -7.62 19.57
C GLN B 448 2.49 -7.58 21.10
N ALA B 449 1.27 -7.58 21.62
CA ALA B 449 1.10 -7.51 23.07
C ALA B 449 1.79 -8.70 23.74
N GLY B 450 1.58 -9.90 23.21
CA GLY B 450 2.16 -11.09 23.80
C GLY B 450 3.68 -11.11 23.72
N ARG B 451 4.22 -10.80 22.54
CA ARG B 451 5.68 -10.77 22.39
C ARG B 451 6.32 -9.72 23.28
N TYR B 452 5.75 -8.52 23.29
CA TYR B 452 6.36 -7.46 24.08
C TYR B 452 6.26 -7.74 25.58
N LEU B 453 5.14 -8.32 26.01
CA LEU B 453 4.99 -8.70 27.42
C LEU B 453 6.00 -9.75 27.82
N ALA B 454 6.20 -10.77 26.98
CA ALA B 454 7.18 -11.80 27.30
C ALA B 454 8.57 -11.20 27.45
N ARG B 455 8.91 -10.21 26.63
CA ARG B 455 10.23 -9.57 26.73
C ARG B 455 10.36 -8.78 28.02
N ARG B 456 9.28 -8.11 28.45
CA ARG B 456 9.33 -7.38 29.72
C ARG B 456 9.45 -8.34 30.90
N LEU B 457 8.73 -9.45 30.86
CA LEU B 457 8.77 -10.38 31.98
C LEU B 457 10.12 -11.07 32.08
N PHE B 458 10.70 -11.49 30.95
CA PHE B 458 11.79 -12.45 30.98
C PHE B 458 13.09 -11.94 30.38
N ALA B 459 13.12 -10.74 29.79
CA ALA B 459 14.34 -10.21 29.21
C ALA B 459 14.64 -8.78 29.65
N GLY B 460 13.94 -8.27 30.66
CA GLY B 460 14.19 -6.93 31.15
C GLY B 460 13.77 -5.80 30.22
N ALA B 461 13.00 -6.10 29.18
CA ALA B 461 12.55 -5.04 28.29
C ALA B 461 11.60 -4.09 29.01
N THR B 462 11.48 -2.88 28.46
CA THR B 462 10.55 -1.88 28.98
C THR B 462 9.50 -1.45 27.98
N GLU B 463 9.66 -1.80 26.69
CA GLU B 463 8.76 -1.32 25.65
C GLU B 463 7.35 -1.82 25.85
N LEU B 464 6.39 -0.90 25.83
CA LEU B 464 4.98 -1.22 25.87
C LEU B 464 4.40 -1.32 24.46
N THR B 465 3.29 -2.03 24.34
CA THR B 465 2.52 -2.02 23.10
C THR B 465 1.77 -0.70 22.98
N ASP B 466 1.80 -0.11 21.79
CA ASP B 466 1.08 1.11 21.48
C ASP B 466 -0.22 0.72 20.78
N TYR B 467 -1.35 0.96 21.45
CA TYR B 467 -2.65 0.57 20.94
C TYR B 467 -3.35 1.68 20.17
N SER B 468 -2.69 2.81 19.94
CA SER B 468 -3.32 3.95 19.27
C SER B 468 -3.10 3.88 17.75
N ASN B 469 -4.09 4.37 17.01
CA ASN B 469 -4.00 4.48 15.55
C ASN B 469 -3.64 3.16 14.89
N VAL B 470 -4.21 2.06 15.40
CA VAL B 470 -4.00 0.76 14.80
C VAL B 470 -4.88 0.62 13.57
N ALA B 471 -4.26 0.40 12.41
CA ALA B 471 -4.99 0.34 11.16
C ALA B 471 -5.80 -0.96 11.07
N THR B 472 -6.88 -0.89 10.29
CA THR B 472 -7.81 -1.99 10.10
C THR B 472 -8.11 -2.13 8.62
N THR B 473 -8.57 -3.31 8.22
CA THR B 473 -9.19 -3.46 6.92
C THR B 473 -10.37 -4.40 7.03
N VAL B 474 -11.49 -3.97 6.46
CA VAL B 474 -12.70 -4.78 6.33
C VAL B 474 -12.67 -5.38 4.92
N PHE B 475 -12.65 -6.71 4.85
CA PHE B 475 -12.47 -7.42 3.59
C PHE B 475 -13.81 -7.76 2.93
N THR B 476 -14.62 -6.71 2.78
CA THR B 476 -15.84 -6.76 2.00
C THR B 476 -15.50 -6.81 0.51
N PRO B 477 -16.48 -7.08 -0.36
CA PRO B 477 -16.16 -7.28 -1.79
C PRO B 477 -15.37 -6.12 -2.37
N LEU B 478 -15.73 -4.89 -2.03
CA LEU B 478 -14.84 -3.75 -2.17
C LEU B 478 -14.31 -3.46 -0.77
N GLU B 479 -12.99 -3.54 -0.60
CA GLU B 479 -12.36 -3.51 0.72
C GLU B 479 -12.29 -2.10 1.28
N TYR B 480 -12.31 -2.02 2.61
CA TYR B 480 -12.29 -0.73 3.30
C TYR B 480 -11.16 -0.72 4.32
N GLY B 481 -10.14 0.11 4.07
CA GLY B 481 -9.01 0.27 4.98
C GLY B 481 -9.11 1.60 5.71
N ALA B 482 -8.69 1.60 6.98
CA ALA B 482 -8.75 2.81 7.78
C ALA B 482 -7.61 2.84 8.78
N CYS B 483 -7.17 4.05 9.12
CA CYS B 483 -6.21 4.21 10.21
C CYS B 483 -6.53 5.53 10.90
N GLY B 484 -6.86 5.47 12.19
CA GLY B 484 -7.17 6.67 12.94
C GLY B 484 -8.66 6.92 13.11
N LEU B 485 -8.99 8.20 13.31
CA LEU B 485 -10.35 8.58 13.66
C LEU B 485 -11.28 8.58 12.46
N SER B 486 -12.53 8.19 12.71
CA SER B 486 -13.59 8.51 11.78
C SER B 486 -13.79 10.01 11.72
N GLU B 487 -14.40 10.47 10.63
CA GLU B 487 -14.69 11.88 10.48
C GLU B 487 -15.58 12.37 11.62
N GLU B 488 -16.61 11.59 11.95
CA GLU B 488 -17.53 12.05 13.00
C GLU B 488 -16.84 12.10 14.37
N ASP B 489 -15.94 11.15 14.65
CA ASP B 489 -15.22 11.19 15.93
C ASP B 489 -14.27 12.39 15.98
N ALA B 490 -13.63 12.71 14.85
CA ALA B 490 -12.75 13.87 14.81
C ALA B 490 -13.53 15.16 15.05
N ILE B 491 -14.70 15.28 14.44
CA ILE B 491 -15.53 16.47 14.61
C ILE B 491 -16.03 16.58 16.05
N GLU B 492 -16.43 15.44 16.65
CA GLU B 492 -16.86 15.47 18.05
C GLU B 492 -15.73 15.91 18.97
N LYS B 493 -14.51 15.45 18.70
CA LYS B 493 -13.39 15.72 19.61
C LYS B 493 -12.89 17.15 19.48
N TYR B 494 -12.77 17.67 18.26
CA TYR B 494 -12.12 18.95 18.00
C TYR B 494 -13.03 20.06 17.52
N GLY B 495 -14.26 19.75 17.13
CA GLY B 495 -15.17 20.74 16.58
C GLY B 495 -15.07 20.84 15.08
N ASP B 496 -16.21 21.05 14.41
CA ASP B 496 -16.25 21.08 12.96
C ASP B 496 -15.31 22.14 12.39
N LYS B 497 -15.20 23.29 13.06
CA LYS B 497 -14.39 24.37 12.52
C LYS B 497 -12.90 24.05 12.50
N ASP B 498 -12.45 23.08 13.30
CA ASP B 498 -11.05 22.69 13.35
C ASP B 498 -10.74 21.46 12.52
N ILE B 499 -11.71 20.96 11.74
CA ILE B 499 -11.51 19.76 10.94
C ILE B 499 -11.60 20.13 9.46
N GLU B 500 -10.62 19.69 8.68
CA GLU B 500 -10.64 19.80 7.22
C GLU B 500 -10.58 18.39 6.68
N VAL B 501 -11.42 18.08 5.69
CA VAL B 501 -11.45 16.75 5.10
C VAL B 501 -11.12 16.88 3.61
N TYR B 502 -10.04 16.24 3.19
CA TYR B 502 -9.67 16.16 1.77
C TYR B 502 -10.17 14.83 1.23
N HIS B 503 -10.75 14.84 0.04
CA HIS B 503 -11.34 13.59 -0.46
C HIS B 503 -11.30 13.52 -1.97
N SER B 504 -11.43 12.29 -2.48
CA SER B 504 -11.52 12.07 -3.92
C SER B 504 -12.08 10.69 -4.19
N ASN B 505 -12.88 10.59 -5.24
CA ASN B 505 -13.09 9.29 -5.85
C ASN B 505 -11.85 8.89 -6.67
N PHE B 506 -11.78 7.63 -7.02
CA PHE B 506 -10.75 7.17 -7.95
C PHE B 506 -11.27 5.97 -8.70
N LYS B 507 -10.58 5.63 -9.79
CA LYS B 507 -10.92 4.44 -10.57
C LYS B 507 -9.63 3.65 -10.76
N PRO B 508 -9.55 2.42 -10.25
CA PRO B 508 -8.37 1.60 -10.54
C PRO B 508 -8.17 1.47 -12.03
N LEU B 509 -6.91 1.59 -12.48
CA LEU B 509 -6.65 1.45 -13.91
C LEU B 509 -7.15 0.10 -14.42
N GLU B 510 -7.06 -0.94 -13.59
CA GLU B 510 -7.53 -2.26 -13.97
C GLU B 510 -9.03 -2.30 -14.24
N TRP B 511 -9.79 -1.32 -13.75
CA TRP B 511 -11.23 -1.29 -13.94
C TRP B 511 -11.64 -0.62 -15.24
N THR B 512 -10.71 0.00 -15.95
CA THR B 512 -11.07 0.76 -17.16
C THR B 512 -11.43 -0.19 -18.29
N VAL B 513 -10.48 -1.02 -18.71
CA VAL B 513 -10.74 -2.00 -19.76
C VAL B 513 -11.82 -2.98 -19.34
N ALA B 514 -11.95 -3.23 -18.03
CA ALA B 514 -12.96 -4.14 -17.50
C ALA B 514 -14.35 -3.52 -17.38
N HIS B 515 -14.50 -2.23 -17.70
CA HIS B 515 -15.83 -1.58 -17.69
C HIS B 515 -16.49 -1.60 -16.31
N ARG B 516 -15.70 -1.43 -15.25
CA ARG B 516 -16.26 -1.33 -13.92
CA ARG B 516 -16.23 -1.33 -13.91
C ARG B 516 -16.53 0.13 -13.57
N GLU B 517 -16.96 0.37 -12.33
CA GLU B 517 -17.57 1.66 -11.98
C GLU B 517 -16.57 2.80 -11.87
N ASP B 518 -17.02 4.00 -12.28
CA ASP B 518 -16.14 5.16 -12.36
C ASP B 518 -15.87 5.81 -11.00
N ASN B 519 -16.89 5.89 -10.15
CA ASN B 519 -16.86 6.73 -8.97
C ASN B 519 -17.43 6.01 -7.77
N VAL B 520 -16.95 4.80 -7.54
N VAL B 520 -16.93 4.79 -7.51
CA VAL B 520 -17.27 4.06 -6.33
CA VAL B 520 -17.28 4.04 -6.32
C VAL B 520 -16.10 4.05 -5.36
C VAL B 520 -16.11 3.94 -5.35
N CYS B 521 -14.91 3.76 -5.86
CA CYS B 521 -13.74 3.82 -4.99
C CYS B 521 -13.57 5.24 -4.48
N TYR B 522 -13.13 5.37 -3.23
CA TYR B 522 -13.19 6.65 -2.56
C TYR B 522 -12.16 6.67 -1.44
N MET B 523 -11.55 7.84 -1.22
CA MET B 523 -10.60 8.00 -0.12
C MET B 523 -10.72 9.38 0.48
N LYS B 524 -10.37 9.48 1.76
CA LYS B 524 -10.34 10.79 2.41
C LYS B 524 -9.28 10.81 3.50
N LEU B 525 -8.80 12.02 3.78
CA LEU B 525 -7.94 12.33 4.92
C LEU B 525 -8.68 13.34 5.79
N VAL B 526 -8.86 12.98 7.06
CA VAL B 526 -9.50 13.83 8.05
C VAL B 526 -8.39 14.51 8.84
N CYS B 527 -8.36 15.85 8.83
CA CYS B 527 -7.16 16.56 9.29
C CYS B 527 -7.55 17.63 10.31
N ARG B 528 -6.61 17.97 11.20
CA ARG B 528 -6.84 18.99 12.22
C ARG B 528 -6.15 20.29 11.83
N LYS B 529 -6.95 21.32 11.56
CA LYS B 529 -6.42 22.56 11.00
C LYS B 529 -5.42 23.22 11.94
N SER B 530 -5.76 23.30 13.23
CA SER B 530 -4.92 24.05 14.17
C SER B 530 -3.66 23.32 14.57
N ASP B 531 -3.48 22.06 14.15
CA ASP B 531 -2.27 21.32 14.43
C ASP B 531 -1.54 21.01 13.11
N ASN B 532 -1.27 22.05 12.32
CA ASN B 532 -0.50 21.91 11.09
C ASN B 532 -1.15 20.94 10.10
N MET B 533 -2.47 20.84 10.12
CA MET B 533 -3.21 19.93 9.23
C MET B 533 -2.77 18.48 9.47
N ARG B 534 -2.62 18.13 10.75
CA ARG B 534 -2.28 16.77 11.15
C ARG B 534 -3.32 15.79 10.65
N VAL B 535 -2.87 14.67 10.10
CA VAL B 535 -3.79 13.63 9.64
C VAL B 535 -4.32 12.88 10.86
N LEU B 536 -5.61 13.04 11.15
CA LEU B 536 -6.25 12.34 12.26
C LEU B 536 -6.80 10.98 11.84
N GLY B 537 -7.22 10.84 10.59
CA GLY B 537 -7.78 9.61 10.09
C GLY B 537 -7.63 9.50 8.59
N LEU B 538 -7.31 8.29 8.13
CA LEU B 538 -7.19 7.97 6.73
C LEU B 538 -8.18 6.87 6.42
N HIS B 539 -8.88 6.97 5.28
CA HIS B 539 -9.95 6.05 4.92
C HIS B 539 -9.88 5.79 3.43
N VAL B 540 -9.94 4.51 3.04
CA VAL B 540 -9.90 4.16 1.62
C VAL B 540 -10.83 2.98 1.34
N LEU B 541 -11.68 3.14 0.33
CA LEU B 541 -12.54 2.08 -0.19
C LEU B 541 -12.04 1.77 -1.60
N GLY B 542 -11.53 0.55 -1.80
CA GLY B 542 -11.00 0.17 -3.09
C GLY B 542 -10.33 -1.19 -3.02
N PRO B 543 -9.84 -1.68 -4.16
CA PRO B 543 -9.15 -2.98 -4.16
C PRO B 543 -7.87 -2.91 -3.36
N ASN B 544 -7.51 -4.03 -2.73
CA ASN B 544 -6.22 -4.11 -2.02
C ASN B 544 -6.08 -3.05 -0.93
N ALA B 545 -7.19 -2.75 -0.25
CA ALA B 545 -7.20 -1.62 0.68
C ALA B 545 -6.26 -1.84 1.86
N GLY B 546 -6.05 -3.09 2.29
CA GLY B 546 -5.10 -3.32 3.37
C GLY B 546 -3.66 -3.09 2.94
N GLU B 547 -3.32 -3.49 1.71
CA GLU B 547 -2.00 -3.15 1.18
C GLU B 547 -1.83 -1.65 1.03
N ILE B 548 -2.88 -0.94 0.60
CA ILE B 548 -2.78 0.51 0.49
C ILE B 548 -2.53 1.12 1.86
N THR B 549 -3.32 0.71 2.85
CA THR B 549 -3.37 1.42 4.13
C THR B 549 -2.11 1.21 4.97
N GLN B 550 -1.52 0.02 4.90
CA GLN B 550 -0.52 -0.36 5.90
C GLN B 550 0.62 0.65 6.02
N GLY B 551 1.23 1.03 4.88
CA GLY B 551 2.40 1.90 4.97
C GLY B 551 2.08 3.27 5.54
N TYR B 552 0.89 3.79 5.24
CA TYR B 552 0.49 5.06 5.81
C TYR B 552 0.33 4.99 7.32
N ALA B 553 0.07 3.80 7.87
CA ALA B 553 -0.03 3.70 9.33
C ALA B 553 1.28 4.06 10.01
N VAL B 554 2.42 3.80 9.35
CA VAL B 554 3.71 4.22 9.89
C VAL B 554 3.79 5.73 9.90
N ALA B 555 3.41 6.37 8.79
CA ALA B 555 3.45 7.83 8.71
C ALA B 555 2.53 8.48 9.74
N ILE B 556 1.32 7.94 9.90
CA ILE B 556 0.39 8.47 10.90
C ILE B 556 0.95 8.29 12.31
N LYS B 557 1.57 7.14 12.58
CA LYS B 557 2.21 6.94 13.88
C LYS B 557 3.23 8.03 14.14
N MET B 558 3.95 8.44 13.08
CA MET B 558 4.98 9.46 13.18
C MET B 558 4.42 10.88 13.18
N GLY B 559 3.11 11.06 13.09
CA GLY B 559 2.55 12.39 13.11
C GLY B 559 2.43 13.06 11.77
N ALA B 560 2.20 12.31 10.71
CA ALA B 560 2.09 12.90 9.37
C ALA B 560 1.06 14.01 9.31
N THR B 561 1.39 15.06 8.56
CA THR B 561 0.47 16.12 8.22
C THR B 561 0.10 16.03 6.75
N LYS B 562 -0.89 16.84 6.34
CA LYS B 562 -1.23 16.92 4.93
C LYS B 562 -0.02 17.31 4.09
N ALA B 563 0.83 18.22 4.60
CA ALA B 563 2.02 18.62 3.85
C ALA B 563 2.96 17.45 3.61
N ASP B 564 3.04 16.49 4.55
CA ASP B 564 3.87 15.31 4.33
C ASP B 564 3.33 14.45 3.20
N PHE B 565 2.00 14.30 3.10
CA PHE B 565 1.42 13.61 1.95
C PHE B 565 1.68 14.36 0.65
N ASP B 566 1.57 15.70 0.69
CA ASP B 566 1.73 16.49 -0.53
C ASP B 566 3.15 16.43 -1.06
N ARG B 567 4.15 16.45 -0.17
CA ARG B 567 5.54 16.50 -0.61
C ARG B 567 6.05 15.14 -1.08
N THR B 568 5.38 14.06 -0.67
CA THR B 568 5.71 12.72 -1.15
C THR B 568 5.14 12.53 -2.55
N ILE B 569 5.95 11.92 -3.43
N ILE B 569 5.92 11.91 -3.42
CA ILE B 569 5.59 11.69 -4.81
CA ILE B 569 5.52 11.77 -4.82
C ILE B 569 4.84 10.37 -4.96
C ILE B 569 4.93 10.39 -5.08
N GLY B 570 3.83 10.36 -5.82
CA GLY B 570 3.11 9.13 -6.09
C GLY B 570 3.91 8.13 -6.92
N ILE B 571 3.52 6.86 -6.79
CA ILE B 571 3.92 5.77 -7.68
C ILE B 571 2.79 5.58 -8.69
N HIS B 572 3.11 5.62 -9.99
CA HIS B 572 2.08 5.52 -11.02
C HIS B 572 2.34 4.30 -11.89
N PRO B 573 1.28 3.56 -12.29
CA PRO B 573 -0.13 3.73 -11.94
C PRO B 573 -0.50 2.85 -10.74
N THR B 574 -0.98 3.47 -9.67
CA THR B 574 -1.50 2.73 -8.51
C THR B 574 -2.78 3.42 -8.04
N CYS B 575 -3.56 2.68 -7.23
CA CYS B 575 -4.61 3.34 -6.45
C CYS B 575 -4.05 4.20 -5.36
N SER B 576 -3.03 3.72 -4.66
CA SER B 576 -2.55 4.40 -3.47
C SER B 576 -2.06 5.82 -3.76
N GLU B 577 -1.52 6.07 -4.96
CA GLU B 577 -0.96 7.38 -5.25
C GLU B 577 -1.98 8.49 -5.14
N THR B 578 -3.28 8.18 -5.22
CA THR B 578 -4.30 9.21 -5.07
C THR B 578 -4.17 9.96 -3.76
N PHE B 579 -3.65 9.32 -2.70
CA PHE B 579 -3.44 10.02 -1.43
C PHE B 579 -2.42 11.14 -1.52
N THR B 580 -1.54 11.12 -2.52
CA THR B 580 -0.44 12.09 -2.59
C THR B 580 -0.83 13.38 -3.29
N THR B 581 -2.03 13.45 -3.88
CA THR B 581 -2.45 14.61 -4.66
C THR B 581 -3.83 15.11 -4.27
N LEU B 582 -4.34 14.72 -3.10
CA LEU B 582 -5.68 15.16 -2.71
C LEU B 582 -5.74 16.67 -2.57
N HIS B 583 -6.84 17.26 -3.03
CA HIS B 583 -6.95 18.71 -2.98
C HIS B 583 -8.36 19.21 -2.72
N VAL B 584 -9.39 18.43 -3.04
CA VAL B 584 -10.77 18.86 -2.85
C VAL B 584 -11.12 18.72 -1.37
N THR B 585 -11.51 19.83 -0.75
CA THR B 585 -12.03 19.77 0.61
C THR B 585 -13.53 19.60 0.62
N LYS B 586 -14.04 18.96 1.68
CA LYS B 586 -15.49 18.88 1.83
C LYS B 586 -16.10 20.26 2.01
N LYS B 587 -15.42 21.15 2.75
CA LYS B 587 -15.94 22.50 2.99
C LYS B 587 -16.18 23.25 1.69
N SER B 588 -15.37 23.01 0.66
CA SER B 588 -15.51 23.72 -0.61
C SER B 588 -16.76 23.33 -1.37
N GLY B 589 -17.32 22.15 -1.09
CA GLY B 589 -18.48 21.69 -1.83
C GLY B 589 -18.20 21.20 -3.24
N VAL B 590 -16.93 21.22 -3.68
CA VAL B 590 -16.59 20.77 -5.01
C VAL B 590 -16.70 19.25 -5.09
N SER B 591 -17.19 18.74 -6.21
CA SER B 591 -17.40 17.31 -6.33
C SER B 591 -16.08 16.55 -6.23
N PRO B 592 -16.06 15.42 -5.51
CA PRO B 592 -14.86 14.57 -5.49
C PRO B 592 -14.74 13.61 -6.67
N ILE B 593 -15.67 13.65 -7.64
CA ILE B 593 -15.61 12.68 -8.72
C ILE B 593 -14.39 12.91 -9.61
N VAL B 594 -13.99 11.86 -10.31
CA VAL B 594 -12.77 11.88 -11.11
C VAL B 594 -12.73 13.03 -12.14
#